data_2N29
# 
_entry.id   2N29 
# 
_audit_conform.dict_name       mmcif_pdbx.dic 
_audit_conform.dict_version    5.391 
_audit_conform.dict_location   http://mmcif.pdb.org/dictionaries/ascii/mmcif_pdbx.dic 
# 
loop_
_database_2.database_code 
_database_2.database_id 
_database_2.pdbx_database_accession 
_database_2.pdbx_DOI 
RCSB104330   RCSB  ?            ?                   
2N29         PDB   pdb_00002n29 10.2210/pdb2n29/pdb 
25592        BMRB  ?            10.13018/BMR25592   
D_1000104330 WWPDB ?            ?                   
# 
loop_
_pdbx_audit_revision_history.ordinal 
_pdbx_audit_revision_history.data_content_type 
_pdbx_audit_revision_history.major_revision 
_pdbx_audit_revision_history.minor_revision 
_pdbx_audit_revision_history.revision_date 
1 'Structure model' 1 0 2015-09-30 
2 'Structure model' 1 1 2015-10-14 
3 'Structure model' 1 2 2024-05-01 
# 
_pdbx_audit_revision_details.ordinal             1 
_pdbx_audit_revision_details.revision_ordinal    1 
_pdbx_audit_revision_details.data_content_type   'Structure model' 
_pdbx_audit_revision_details.provider            repository 
_pdbx_audit_revision_details.type                'Initial release' 
_pdbx_audit_revision_details.description         ? 
_pdbx_audit_revision_details.details             ? 
# 
loop_
_pdbx_audit_revision_group.ordinal 
_pdbx_audit_revision_group.revision_ordinal 
_pdbx_audit_revision_group.data_content_type 
_pdbx_audit_revision_group.group 
1 2 'Structure model' 'Database references' 
2 3 'Structure model' 'Data collection'     
3 3 'Structure model' 'Database references' 
# 
loop_
_pdbx_audit_revision_category.ordinal 
_pdbx_audit_revision_category.revision_ordinal 
_pdbx_audit_revision_category.data_content_type 
_pdbx_audit_revision_category.category 
1 3 'Structure model' chem_comp_atom        
2 3 'Structure model' chem_comp_bond        
3 3 'Structure model' database_2            
4 3 'Structure model' pdbx_nmr_spectrometer 
5 3 'Structure model' struct_ref_seq_dif    
# 
loop_
_pdbx_audit_revision_item.ordinal 
_pdbx_audit_revision_item.revision_ordinal 
_pdbx_audit_revision_item.data_content_type 
_pdbx_audit_revision_item.item 
1 3 'Structure model' '_database_2.pdbx_DOI'                
2 3 'Structure model' '_database_2.pdbx_database_accession' 
3 3 'Structure model' '_pdbx_nmr_spectrometer.model'        
4 3 'Structure model' '_struct_ref_seq_dif.details'         
# 
_pdbx_database_status.deposit_site                    BMRB 
_pdbx_database_status.entry_id                        2N29 
_pdbx_database_status.process_site                    RCSB 
_pdbx_database_status.recvd_initial_deposition_date   2015-05-01 
_pdbx_database_status.SG_entry                        ? 
_pdbx_database_status.status_code                     REL 
_pdbx_database_status.status_code_mr                  REL 
_pdbx_database_status.status_code_sf                  ? 
_pdbx_database_status.status_code_cs                  REL 
_pdbx_database_status.methods_development_category    ? 
_pdbx_database_status.pdb_format_compatible           Y 
_pdbx_database_status.status_code_nmr_data            ? 
# 
loop_
_pdbx_database_related.db_id 
_pdbx_database_related.db_name 
_pdbx_database_related.content_type 
_pdbx_database_related.details 
25592 BMRB unspecified . 
2N28  PDB  unspecified . 
# 
loop_
_audit_author.name 
_audit_author.pdbx_ordinal 
'Zhang, H.'    1 
'Lin, E.C.'    2 
'Tian, Y.'     3 
'Das, B.B.'    4 
'Opella, S.J.' 5 
# 
_citation.id                        primary 
_citation.title                     'Structural determination of virus protein U from HIV-1 by NMR in membrane environments.' 
_citation.journal_abbrev            Biochim.Biophys.Acta 
_citation.journal_volume            1848 
_citation.page_first                3007 
_citation.page_last                 3018 
_citation.year                      2015 
_citation.journal_id_ASTM           BBACAQ 
_citation.country                   NE 
_citation.journal_id_ISSN           0006-3002 
_citation.journal_id_CSD            0113 
_citation.book_publisher            ? 
_citation.pdbx_database_id_PubMed   26362058 
_citation.pdbx_database_id_DOI      10.1016/j.bbamem.2015.09.008 
# 
loop_
_citation_author.citation_id 
_citation_author.name 
_citation_author.ordinal 
_citation_author.identifier_ORCID 
primary 'Zhang, H.'    1 ? 
primary 'Lin, E.C.'    2 ? 
primary 'Das, B.B.'    3 ? 
primary 'Tian, Y.'     4 ? 
primary 'Opella, S.J.' 5 ? 
# 
_entity.id                         1 
_entity.type                       polymer 
_entity.src_method                 man 
_entity.pdbx_description           'Protein Vpu' 
_entity.formula_weight             6265.957 
_entity.pdbx_number_of_molecules   1 
_entity.pdbx_ec                    ? 
_entity.pdbx_mutation              ? 
_entity.pdbx_fragment              'cytoplasmic domain (UNP residues 28-81)' 
_entity.details                    ? 
# 
_entity_name_com.entity_id   1 
_entity_name_com.name        'U ORF protein, Viral protein U' 
# 
_entity_poly.entity_id                      1 
_entity_poly.type                           'polypeptide(L)' 
_entity_poly.nstd_linkage                   no 
_entity_poly.nstd_monomer                   no 
_entity_poly.pdbx_seq_one_letter_code       EYRKILRQRKIDRLIDRLIERAEDSGNESEGEISALVELGVELGHHAPWDVDDL 
_entity_poly.pdbx_seq_one_letter_code_can   EYRKILRQRKIDRLIDRLIERAEDSGNESEGEISALVELGVELGHHAPWDVDDL 
_entity_poly.pdbx_strand_id                 A 
_entity_poly.pdbx_target_identifier         ? 
# 
loop_
_entity_poly_seq.entity_id 
_entity_poly_seq.num 
_entity_poly_seq.mon_id 
_entity_poly_seq.hetero 
1 1  GLU n 
1 2  TYR n 
1 3  ARG n 
1 4  LYS n 
1 5  ILE n 
1 6  LEU n 
1 7  ARG n 
1 8  GLN n 
1 9  ARG n 
1 10 LYS n 
1 11 ILE n 
1 12 ASP n 
1 13 ARG n 
1 14 LEU n 
1 15 ILE n 
1 16 ASP n 
1 17 ARG n 
1 18 LEU n 
1 19 ILE n 
1 20 GLU n 
1 21 ARG n 
1 22 ALA n 
1 23 GLU n 
1 24 ASP n 
1 25 SER n 
1 26 GLY n 
1 27 ASN n 
1 28 GLU n 
1 29 SER n 
1 30 GLU n 
1 31 GLY n 
1 32 GLU n 
1 33 ILE n 
1 34 SER n 
1 35 ALA n 
1 36 LEU n 
1 37 VAL n 
1 38 GLU n 
1 39 LEU n 
1 40 GLY n 
1 41 VAL n 
1 42 GLU n 
1 43 LEU n 
1 44 GLY n 
1 45 HIS n 
1 46 HIS n 
1 47 ALA n 
1 48 PRO n 
1 49 TRP n 
1 50 ASP n 
1 51 VAL n 
1 52 ASP n 
1 53 ASP n 
1 54 LEU n 
# 
_entity_src_gen.entity_id                          1 
_entity_src_gen.pdbx_src_id                        1 
_entity_src_gen.pdbx_alt_source_flag               sample 
_entity_src_gen.pdbx_seq_type                      ? 
_entity_src_gen.pdbx_beg_seq_num                   ? 
_entity_src_gen.pdbx_end_seq_num                   ? 
_entity_src_gen.gene_src_common_name               HIV-1 
_entity_src_gen.gene_src_genus                     ? 
_entity_src_gen.pdbx_gene_src_gene                 vpu 
_entity_src_gen.gene_src_species                   ? 
_entity_src_gen.gene_src_strain                    ? 
_entity_src_gen.gene_src_tissue                    ? 
_entity_src_gen.gene_src_tissue_fraction           ? 
_entity_src_gen.gene_src_details                   ? 
_entity_src_gen.pdbx_gene_src_fragment             ? 
_entity_src_gen.pdbx_gene_src_scientific_name      'Human immunodeficiency virus 1' 
_entity_src_gen.pdbx_gene_src_ncbi_taxonomy_id     11676 
_entity_src_gen.pdbx_gene_src_variant              ? 
_entity_src_gen.pdbx_gene_src_cell_line            ? 
_entity_src_gen.pdbx_gene_src_atcc                 ? 
_entity_src_gen.pdbx_gene_src_organ                ? 
_entity_src_gen.pdbx_gene_src_organelle            ? 
_entity_src_gen.pdbx_gene_src_cell                 ? 
_entity_src_gen.pdbx_gene_src_cellular_location    ? 
_entity_src_gen.host_org_common_name               ? 
_entity_src_gen.pdbx_host_org_scientific_name      'Escherichia coli' 
_entity_src_gen.pdbx_host_org_ncbi_taxonomy_id     562 
_entity_src_gen.host_org_genus                     ? 
_entity_src_gen.pdbx_host_org_gene                 ? 
_entity_src_gen.pdbx_host_org_organ                ? 
_entity_src_gen.host_org_species                   ? 
_entity_src_gen.pdbx_host_org_tissue               ? 
_entity_src_gen.pdbx_host_org_tissue_fraction      ? 
_entity_src_gen.pdbx_host_org_strain               C41 
_entity_src_gen.pdbx_host_org_variant              ? 
_entity_src_gen.pdbx_host_org_cell_line            ? 
_entity_src_gen.pdbx_host_org_atcc                 ? 
_entity_src_gen.pdbx_host_org_culture_collection   ? 
_entity_src_gen.pdbx_host_org_cell                 ? 
_entity_src_gen.pdbx_host_org_organelle            ? 
_entity_src_gen.pdbx_host_org_cellular_location    ? 
_entity_src_gen.pdbx_host_org_vector_type          plasmid 
_entity_src_gen.pdbx_host_org_vector               ? 
_entity_src_gen.host_org_details                   ? 
_entity_src_gen.expression_system_id               ? 
_entity_src_gen.plasmid_name                       pET31b+ 
_entity_src_gen.plasmid_details                    ? 
_entity_src_gen.pdbx_description                   ? 
# 
loop_
_chem_comp.id 
_chem_comp.type 
_chem_comp.mon_nstd_flag 
_chem_comp.name 
_chem_comp.pdbx_synonyms 
_chem_comp.formula 
_chem_comp.formula_weight 
ALA 'L-peptide linking' y ALANINE         ? 'C3 H7 N O2'     89.093  
ARG 'L-peptide linking' y ARGININE        ? 'C6 H15 N4 O2 1' 175.209 
ASN 'L-peptide linking' y ASPARAGINE      ? 'C4 H8 N2 O3'    132.118 
ASP 'L-peptide linking' y 'ASPARTIC ACID' ? 'C4 H7 N O4'     133.103 
GLN 'L-peptide linking' y GLUTAMINE       ? 'C5 H10 N2 O3'   146.144 
GLU 'L-peptide linking' y 'GLUTAMIC ACID' ? 'C5 H9 N O4'     147.129 
GLY 'peptide linking'   y GLYCINE         ? 'C2 H5 N O2'     75.067  
HIS 'L-peptide linking' y HISTIDINE       ? 'C6 H10 N3 O2 1' 156.162 
ILE 'L-peptide linking' y ISOLEUCINE      ? 'C6 H13 N O2'    131.173 
LEU 'L-peptide linking' y LEUCINE         ? 'C6 H13 N O2'    131.173 
LYS 'L-peptide linking' y LYSINE          ? 'C6 H15 N2 O2 1' 147.195 
MET 'L-peptide linking' y METHIONINE      ? 'C5 H11 N O2 S'  149.211 
PRO 'L-peptide linking' y PROLINE         ? 'C5 H9 N O2'     115.130 
SER 'L-peptide linking' y SERINE          ? 'C3 H7 N O3'     105.093 
TRP 'L-peptide linking' y TRYPTOPHAN      ? 'C11 H12 N2 O2'  204.225 
TYR 'L-peptide linking' y TYROSINE        ? 'C9 H11 N O3'    181.189 
VAL 'L-peptide linking' y VALINE          ? 'C5 H11 N O2'    117.146 
# 
loop_
_pdbx_poly_seq_scheme.asym_id 
_pdbx_poly_seq_scheme.entity_id 
_pdbx_poly_seq_scheme.seq_id 
_pdbx_poly_seq_scheme.mon_id 
_pdbx_poly_seq_scheme.ndb_seq_num 
_pdbx_poly_seq_scheme.pdb_seq_num 
_pdbx_poly_seq_scheme.auth_seq_num 
_pdbx_poly_seq_scheme.pdb_mon_id 
_pdbx_poly_seq_scheme.auth_mon_id 
_pdbx_poly_seq_scheme.pdb_strand_id 
_pdbx_poly_seq_scheme.pdb_ins_code 
_pdbx_poly_seq_scheme.hetero 
A 1 1  GLU 1  1  1  GLU GLU A . n 
A 1 2  TYR 2  2  2  TYR TYR A . n 
A 1 3  ARG 3  3  3  ARG ARG A . n 
A 1 4  LYS 4  4  4  LYS LYS A . n 
A 1 5  ILE 5  5  5  ILE ILE A . n 
A 1 6  LEU 6  6  6  LEU LEU A . n 
A 1 7  ARG 7  7  7  ARG ARG A . n 
A 1 8  GLN 8  8  8  GLN GLN A . n 
A 1 9  ARG 9  9  9  ARG ARG A . n 
A 1 10 LYS 10 10 10 LYS LYS A . n 
A 1 11 ILE 11 11 11 ILE ILE A . n 
A 1 12 ASP 12 12 12 ASP ASP A . n 
A 1 13 ARG 13 13 13 ARG ARG A . n 
A 1 14 LEU 14 14 14 LEU LEU A . n 
A 1 15 ILE 15 15 15 ILE ILE A . n 
A 1 16 ASP 16 16 16 ASP ASP A . n 
A 1 17 ARG 17 17 17 ARG ARG A . n 
A 1 18 LEU 18 18 18 LEU LEU A . n 
A 1 19 ILE 19 19 19 ILE ILE A . n 
A 1 20 GLU 20 20 20 GLU GLU A . n 
A 1 21 ARG 21 21 21 ARG ARG A . n 
A 1 22 ALA 22 22 22 ALA ALA A . n 
A 1 23 GLU 23 23 23 GLU GLU A . n 
A 1 24 ASP 24 24 24 ASP ASP A . n 
A 1 25 SER 25 25 25 SER SER A . n 
A 1 26 GLY 26 26 26 GLY GLY A . n 
A 1 27 ASN 27 27 27 ASN ASN A . n 
A 1 28 GLU 28 28 28 GLU GLU A . n 
A 1 29 SER 29 29 29 SER SER A . n 
A 1 30 GLU 30 30 30 GLU GLU A . n 
A 1 31 GLY 31 31 31 GLY GLY A . n 
A 1 32 GLU 32 32 32 GLU GLU A . n 
A 1 33 ILE 33 33 33 ILE ILE A . n 
A 1 34 SER 34 34 34 SER SER A . n 
A 1 35 ALA 35 35 35 ALA ALA A . n 
A 1 36 LEU 36 36 36 LEU LEU A . n 
A 1 37 VAL 37 37 37 VAL VAL A . n 
A 1 38 GLU 38 38 38 GLU GLU A . n 
A 1 39 LEU 39 39 39 LEU LEU A . n 
A 1 40 GLY 40 40 40 GLY GLY A . n 
A 1 41 VAL 41 41 41 VAL VAL A . n 
A 1 42 GLU 42 42 42 GLU GLU A . n 
A 1 43 LEU 43 43 43 LEU LEU A . n 
A 1 44 GLY 44 44 44 GLY GLY A . n 
A 1 45 HIS 45 45 45 HIS HIS A . n 
A 1 46 HIS 46 46 46 HIS HIS A . n 
A 1 47 ALA 47 47 47 ALA ALA A . n 
A 1 48 PRO 48 48 48 PRO PRO A . n 
A 1 49 TRP 49 49 49 TRP TRP A . n 
A 1 50 ASP 50 50 50 ASP ASP A . n 
A 1 51 VAL 51 51 51 VAL VAL A . n 
A 1 52 ASP 52 52 52 ASP ASP A . n 
A 1 53 ASP 53 53 53 ASP ASP A . n 
A 1 54 LEU 54 54 54 LEU LEU A . n 
# 
_exptl.absorpt_coefficient_mu     ? 
_exptl.absorpt_correction_T_max   ? 
_exptl.absorpt_correction_T_min   ? 
_exptl.absorpt_correction_type    ? 
_exptl.absorpt_process_details    ? 
_exptl.crystals_number            ? 
_exptl.details                    ? 
_exptl.entry_id                   2N29 
_exptl.method                     'SOLUTION NMR' 
_exptl.method_details             ? 
# 
_struct.entry_id                  2N29 
_struct.title                     'Solution-state NMR structure of Vpu cytoplasmic domain' 
_struct.pdbx_model_details        'lowest energy, model1' 
_struct.pdbx_CASP_flag            ? 
_struct.pdbx_model_type_details   ? 
# 
_struct_keywords.entry_id        2N29 
_struct_keywords.pdbx_keywords   'VIRAL PROTEIN' 
_struct_keywords.text            'alpha helix, VIRAL PROTEIN' 
# 
_struct_asym.id                            A 
_struct_asym.pdbx_blank_PDB_chainid_flag   N 
_struct_asym.pdbx_modified                 N 
_struct_asym.entity_id                     1 
_struct_asym.details                       ? 
# 
_struct_ref.id                         1 
_struct_ref.db_name                    UNP 
_struct_ref.db_code                    VPU_HV1H3 
_struct_ref.pdbx_db_accession          P69700 
_struct_ref.entity_id                  1 
_struct_ref.pdbx_seq_one_letter_code   EYRKILRQRKIDRLIDRLIERAEDSGNESEGEISALVEMGVEMGHHAPWDVDDL 
_struct_ref.pdbx_align_begin           28 
_struct_ref.pdbx_db_isoform            ? 
# 
_struct_ref_seq.align_id                      1 
_struct_ref_seq.ref_id                        1 
_struct_ref_seq.pdbx_PDB_id_code              2N29 
_struct_ref_seq.pdbx_strand_id                A 
_struct_ref_seq.seq_align_beg                 1 
_struct_ref_seq.pdbx_seq_align_beg_ins_code   ? 
_struct_ref_seq.seq_align_end                 54 
_struct_ref_seq.pdbx_seq_align_end_ins_code   ? 
_struct_ref_seq.pdbx_db_accession             P69700 
_struct_ref_seq.db_align_beg                  28 
_struct_ref_seq.pdbx_db_align_beg_ins_code    ? 
_struct_ref_seq.db_align_end                  81 
_struct_ref_seq.pdbx_db_align_end_ins_code    ? 
_struct_ref_seq.pdbx_auth_seq_align_beg       1 
_struct_ref_seq.pdbx_auth_seq_align_end       54 
# 
loop_
_struct_ref_seq_dif.align_id 
_struct_ref_seq_dif.pdbx_pdb_id_code 
_struct_ref_seq_dif.mon_id 
_struct_ref_seq_dif.pdbx_pdb_strand_id 
_struct_ref_seq_dif.seq_num 
_struct_ref_seq_dif.pdbx_pdb_ins_code 
_struct_ref_seq_dif.pdbx_seq_db_name 
_struct_ref_seq_dif.pdbx_seq_db_accession_code 
_struct_ref_seq_dif.db_mon_id 
_struct_ref_seq_dif.pdbx_seq_db_seq_num 
_struct_ref_seq_dif.details 
_struct_ref_seq_dif.pdbx_auth_seq_num 
_struct_ref_seq_dif.pdbx_ordinal 
1 2N29 LEU A 39 ? UNP P69700 MET 66 conflict 39 1 
1 2N29 LEU A 43 ? UNP P69700 MET 70 conflict 43 2 
# 
_pdbx_struct_assembly.id                   1 
_pdbx_struct_assembly.details              author_defined_assembly 
_pdbx_struct_assembly.method_details       ? 
_pdbx_struct_assembly.oligomeric_details   monomeric 
_pdbx_struct_assembly.oligomeric_count     1 
# 
_pdbx_struct_assembly_gen.assembly_id       1 
_pdbx_struct_assembly_gen.oper_expression   1 
_pdbx_struct_assembly_gen.asym_id_list      A 
# 
_pdbx_struct_oper_list.id                   1 
_pdbx_struct_oper_list.type                 'identity operation' 
_pdbx_struct_oper_list.name                 1_555 
_pdbx_struct_oper_list.symmetry_operation   x,y,z 
_pdbx_struct_oper_list.matrix[1][1]         1.0000000000 
_pdbx_struct_oper_list.matrix[1][2]         0.0000000000 
_pdbx_struct_oper_list.matrix[1][3]         0.0000000000 
_pdbx_struct_oper_list.vector[1]            0.0000000000 
_pdbx_struct_oper_list.matrix[2][1]         0.0000000000 
_pdbx_struct_oper_list.matrix[2][2]         1.0000000000 
_pdbx_struct_oper_list.matrix[2][3]         0.0000000000 
_pdbx_struct_oper_list.vector[2]            0.0000000000 
_pdbx_struct_oper_list.matrix[3][1]         0.0000000000 
_pdbx_struct_oper_list.matrix[3][2]         0.0000000000 
_pdbx_struct_oper_list.matrix[3][3]         1.0000000000 
_pdbx_struct_oper_list.vector[3]            0.0000000000 
# 
_struct_biol.id        1 
_struct_biol.details   ? 
# 
loop_
_struct_conf.conf_type_id 
_struct_conf.id 
_struct_conf.pdbx_PDB_helix_id 
_struct_conf.beg_label_comp_id 
_struct_conf.beg_label_asym_id 
_struct_conf.beg_label_seq_id 
_struct_conf.pdbx_beg_PDB_ins_code 
_struct_conf.end_label_comp_id 
_struct_conf.end_label_asym_id 
_struct_conf.end_label_seq_id 
_struct_conf.pdbx_end_PDB_ins_code 
_struct_conf.beg_auth_comp_id 
_struct_conf.beg_auth_asym_id 
_struct_conf.beg_auth_seq_id 
_struct_conf.end_auth_comp_id 
_struct_conf.end_auth_asym_id 
_struct_conf.end_auth_seq_id 
_struct_conf.pdbx_PDB_helix_class 
_struct_conf.details 
_struct_conf.pdbx_PDB_helix_length 
HELX_P HELX_P1 1 GLN A 8  ? ASP A 12 ? GLN A 8  ASP A 12 5 ? 5  
HELX_P HELX_P2 2 ARG A 13 ? ASP A 24 ? ARG A 13 ASP A 24 1 ? 12 
HELX_P HELX_P3 3 SER A 29 ? LEU A 43 ? SER A 29 LEU A 43 1 ? 15 
# 
_struct_conf_type.id          HELX_P 
_struct_conf_type.criteria    ? 
_struct_conf_type.reference   ? 
# 
_pdbx_validate_close_contact.id               1 
_pdbx_validate_close_contact.PDB_model_num    1 
_pdbx_validate_close_contact.auth_atom_id_1   O 
_pdbx_validate_close_contact.auth_asym_id_1   A 
_pdbx_validate_close_contact.auth_comp_id_1   GLU 
_pdbx_validate_close_contact.auth_seq_id_1    20 
_pdbx_validate_close_contact.PDB_ins_code_1   ? 
_pdbx_validate_close_contact.label_alt_id_1   ? 
_pdbx_validate_close_contact.auth_atom_id_2   H 
_pdbx_validate_close_contact.auth_asym_id_2   A 
_pdbx_validate_close_contact.auth_comp_id_2   ASP 
_pdbx_validate_close_contact.auth_seq_id_2    24 
_pdbx_validate_close_contact.PDB_ins_code_2   ? 
_pdbx_validate_close_contact.label_alt_id_2   ? 
_pdbx_validate_close_contact.dist             1.60 
# 
loop_
_pdbx_validate_torsion.id 
_pdbx_validate_torsion.PDB_model_num 
_pdbx_validate_torsion.auth_comp_id 
_pdbx_validate_torsion.auth_asym_id 
_pdbx_validate_torsion.auth_seq_id 
_pdbx_validate_torsion.PDB_ins_code 
_pdbx_validate_torsion.label_alt_id 
_pdbx_validate_torsion.phi 
_pdbx_validate_torsion.psi 
1  1 ARG A 3  ? ? -93.93  58.62   
2  1 LYS A 4  ? ? 38.17   99.44   
3  1 ILE A 5  ? ? 34.23   -145.25 
4  1 LEU A 6  ? ? 73.40   -41.12  
5  1 ARG A 9  ? ? -40.71  -7.90   
6  1 SER A 25 ? ? -178.01 -42.67  
7  1 GLU A 28 ? ? 60.09   -71.43  
8  1 SER A 29 ? ? 83.51   57.89   
9  1 HIS A 45 ? ? 39.53   87.65   
10 1 PRO A 48 ? ? -64.77  34.96   
11 1 VAL A 51 ? ? 70.28   -47.48  
# 
_pdbx_nmr_ensemble.average_constraint_violations_per_residue     ? 
_pdbx_nmr_ensemble.average_constraints_per_residue               ? 
_pdbx_nmr_ensemble.average_distance_constraint_violation         ? 
_pdbx_nmr_ensemble.average_torsion_angle_constraint_violation    ? 
_pdbx_nmr_ensemble.conformer_selection_criteria                  'structures with the lowest energy' 
_pdbx_nmr_ensemble.conformers_calculated_total_number            100 
_pdbx_nmr_ensemble.conformers_submitted_total_number             1 
_pdbx_nmr_ensemble.distance_constraint_violation_method          ? 
_pdbx_nmr_ensemble.entry_id                                      2N29 
_pdbx_nmr_ensemble.maximum_distance_constraint_violation         ? 
_pdbx_nmr_ensemble.maximum_lower_distance_constraint_violation   ? 
_pdbx_nmr_ensemble.maximum_torsion_angle_constraint_violation    ? 
_pdbx_nmr_ensemble.maximum_upper_distance_constraint_violation   ? 
_pdbx_nmr_ensemble.torsion_angle_constraint_violation_method     ? 
# 
_pdbx_nmr_representative.conformer_id         1 
_pdbx_nmr_representative.entry_id             2N29 
_pdbx_nmr_representative.selection_criteria   'lowest energy' 
# 
_pdbx_nmr_sample_details.contents         
'0.5 mM [U-100% 15N] Vpu Cytoplasmic domain, 0.5 mM [U-100% 13C; U-100% 15N] Vpu Cytoplasmic domain, 90% H2O, 10% D2O' 
_pdbx_nmr_sample_details.solution_id      1 
_pdbx_nmr_sample_details.solvent_system   '90% H2O/10% D2O' 
# 
loop_
_pdbx_nmr_exptl_sample.component 
_pdbx_nmr_exptl_sample.concentration 
_pdbx_nmr_exptl_sample.concentration_range 
_pdbx_nmr_exptl_sample.concentration_units 
_pdbx_nmr_exptl_sample.isotopic_labeling 
_pdbx_nmr_exptl_sample.solution_id 
'Vpu Cytoplasmic domain-1' 0.5 ? mM '[U-100% 15N]'             1 
'Vpu Cytoplasmic domain-2' 0.5 ? mM '[U-100% 13C; U-100% 15N]' 1 
# 
_pdbx_nmr_exptl_sample_conditions.conditions_id       2 
_pdbx_nmr_exptl_sample_conditions.ionic_strength      5 
_pdbx_nmr_exptl_sample_conditions.pH                  4.0 
_pdbx_nmr_exptl_sample_conditions.pressure            1 
_pdbx_nmr_exptl_sample_conditions.pressure_units      atm 
_pdbx_nmr_exptl_sample_conditions.temperature         323 
_pdbx_nmr_exptl_sample_conditions.temperature_units   K 
# 
loop_
_pdbx_nmr_exptl.conditions_id 
_pdbx_nmr_exptl.experiment_id 
_pdbx_nmr_exptl.solution_id 
_pdbx_nmr_exptl.type 
1 1 1 3D_15N-separated_NOESY 
1 2 1 2D_15N/1N_HSQC         
1 3 1 2D_15N/1N_HSQCIPAP     
2 4 1 '3D HNCA'              
2 5 1 3D_HCCCONH             
2 6 1 3D_CCCONH              
2 7 1 "3D_15N/13C'/13C"      
2 8 1 '3D HNCO'              
2 9 1 '3D HNCACB'            
# 
_pdbx_nmr_refine.entry_id           2N29 
_pdbx_nmr_refine.method             'simulated annealing' 
_pdbx_nmr_refine.details            
;THE ANI COORDINATES HAVE BEEN INCLUDED IN THE RESTRAINT FILE.  THE ANI Z AXIS SPECIFIES THE DIRECTION OF THE NORMAL TO THE PLANE OF THE LIPID BILAYER MEMBRANE.
;
_pdbx_nmr_refine.software_ordinal   1 
# 
_pdbx_nmr_software.authors          'Brunger, A.T. et.al.' 
_pdbx_nmr_software.classification   refinement 
_pdbx_nmr_software.name             CNS 
_pdbx_nmr_software.version          ? 
_pdbx_nmr_software.ordinal          1 
# 
loop_
_chem_comp_atom.comp_id 
_chem_comp_atom.atom_id 
_chem_comp_atom.type_symbol 
_chem_comp_atom.pdbx_aromatic_flag 
_chem_comp_atom.pdbx_stereo_config 
_chem_comp_atom.pdbx_ordinal 
ALA N    N N N 1   
ALA CA   C N S 2   
ALA C    C N N 3   
ALA O    O N N 4   
ALA CB   C N N 5   
ALA OXT  O N N 6   
ALA H    H N N 7   
ALA H2   H N N 8   
ALA HA   H N N 9   
ALA HB1  H N N 10  
ALA HB2  H N N 11  
ALA HB3  H N N 12  
ALA HXT  H N N 13  
ARG N    N N N 14  
ARG CA   C N S 15  
ARG C    C N N 16  
ARG O    O N N 17  
ARG CB   C N N 18  
ARG CG   C N N 19  
ARG CD   C N N 20  
ARG NE   N N N 21  
ARG CZ   C N N 22  
ARG NH1  N N N 23  
ARG NH2  N N N 24  
ARG OXT  O N N 25  
ARG H    H N N 26  
ARG H2   H N N 27  
ARG HA   H N N 28  
ARG HB2  H N N 29  
ARG HB3  H N N 30  
ARG HG2  H N N 31  
ARG HG3  H N N 32  
ARG HD2  H N N 33  
ARG HD3  H N N 34  
ARG HE   H N N 35  
ARG HH11 H N N 36  
ARG HH12 H N N 37  
ARG HH21 H N N 38  
ARG HH22 H N N 39  
ARG HXT  H N N 40  
ASN N    N N N 41  
ASN CA   C N S 42  
ASN C    C N N 43  
ASN O    O N N 44  
ASN CB   C N N 45  
ASN CG   C N N 46  
ASN OD1  O N N 47  
ASN ND2  N N N 48  
ASN OXT  O N N 49  
ASN H    H N N 50  
ASN H2   H N N 51  
ASN HA   H N N 52  
ASN HB2  H N N 53  
ASN HB3  H N N 54  
ASN HD21 H N N 55  
ASN HD22 H N N 56  
ASN HXT  H N N 57  
ASP N    N N N 58  
ASP CA   C N S 59  
ASP C    C N N 60  
ASP O    O N N 61  
ASP CB   C N N 62  
ASP CG   C N N 63  
ASP OD1  O N N 64  
ASP OD2  O N N 65  
ASP OXT  O N N 66  
ASP H    H N N 67  
ASP H2   H N N 68  
ASP HA   H N N 69  
ASP HB2  H N N 70  
ASP HB3  H N N 71  
ASP HD2  H N N 72  
ASP HXT  H N N 73  
GLN N    N N N 74  
GLN CA   C N S 75  
GLN C    C N N 76  
GLN O    O N N 77  
GLN CB   C N N 78  
GLN CG   C N N 79  
GLN CD   C N N 80  
GLN OE1  O N N 81  
GLN NE2  N N N 82  
GLN OXT  O N N 83  
GLN H    H N N 84  
GLN H2   H N N 85  
GLN HA   H N N 86  
GLN HB2  H N N 87  
GLN HB3  H N N 88  
GLN HG2  H N N 89  
GLN HG3  H N N 90  
GLN HE21 H N N 91  
GLN HE22 H N N 92  
GLN HXT  H N N 93  
GLU N    N N N 94  
GLU CA   C N S 95  
GLU C    C N N 96  
GLU O    O N N 97  
GLU CB   C N N 98  
GLU CG   C N N 99  
GLU CD   C N N 100 
GLU OE1  O N N 101 
GLU OE2  O N N 102 
GLU OXT  O N N 103 
GLU H    H N N 104 
GLU H2   H N N 105 
GLU HA   H N N 106 
GLU HB2  H N N 107 
GLU HB3  H N N 108 
GLU HG2  H N N 109 
GLU HG3  H N N 110 
GLU HE2  H N N 111 
GLU HXT  H N N 112 
GLY N    N N N 113 
GLY CA   C N N 114 
GLY C    C N N 115 
GLY O    O N N 116 
GLY OXT  O N N 117 
GLY H    H N N 118 
GLY H2   H N N 119 
GLY HA2  H N N 120 
GLY HA3  H N N 121 
GLY HXT  H N N 122 
HIS N    N N N 123 
HIS CA   C N S 124 
HIS C    C N N 125 
HIS O    O N N 126 
HIS CB   C N N 127 
HIS CG   C Y N 128 
HIS ND1  N Y N 129 
HIS CD2  C Y N 130 
HIS CE1  C Y N 131 
HIS NE2  N Y N 132 
HIS OXT  O N N 133 
HIS H    H N N 134 
HIS H2   H N N 135 
HIS HA   H N N 136 
HIS HB2  H N N 137 
HIS HB3  H N N 138 
HIS HD1  H N N 139 
HIS HD2  H N N 140 
HIS HE1  H N N 141 
HIS HE2  H N N 142 
HIS HXT  H N N 143 
ILE N    N N N 144 
ILE CA   C N S 145 
ILE C    C N N 146 
ILE O    O N N 147 
ILE CB   C N S 148 
ILE CG1  C N N 149 
ILE CG2  C N N 150 
ILE CD1  C N N 151 
ILE OXT  O N N 152 
ILE H    H N N 153 
ILE H2   H N N 154 
ILE HA   H N N 155 
ILE HB   H N N 156 
ILE HG12 H N N 157 
ILE HG13 H N N 158 
ILE HG21 H N N 159 
ILE HG22 H N N 160 
ILE HG23 H N N 161 
ILE HD11 H N N 162 
ILE HD12 H N N 163 
ILE HD13 H N N 164 
ILE HXT  H N N 165 
LEU N    N N N 166 
LEU CA   C N S 167 
LEU C    C N N 168 
LEU O    O N N 169 
LEU CB   C N N 170 
LEU CG   C N N 171 
LEU CD1  C N N 172 
LEU CD2  C N N 173 
LEU OXT  O N N 174 
LEU H    H N N 175 
LEU H2   H N N 176 
LEU HA   H N N 177 
LEU HB2  H N N 178 
LEU HB3  H N N 179 
LEU HG   H N N 180 
LEU HD11 H N N 181 
LEU HD12 H N N 182 
LEU HD13 H N N 183 
LEU HD21 H N N 184 
LEU HD22 H N N 185 
LEU HD23 H N N 186 
LEU HXT  H N N 187 
LYS N    N N N 188 
LYS CA   C N S 189 
LYS C    C N N 190 
LYS O    O N N 191 
LYS CB   C N N 192 
LYS CG   C N N 193 
LYS CD   C N N 194 
LYS CE   C N N 195 
LYS NZ   N N N 196 
LYS OXT  O N N 197 
LYS H    H N N 198 
LYS H2   H N N 199 
LYS HA   H N N 200 
LYS HB2  H N N 201 
LYS HB3  H N N 202 
LYS HG2  H N N 203 
LYS HG3  H N N 204 
LYS HD2  H N N 205 
LYS HD3  H N N 206 
LYS HE2  H N N 207 
LYS HE3  H N N 208 
LYS HZ1  H N N 209 
LYS HZ2  H N N 210 
LYS HZ3  H N N 211 
LYS HXT  H N N 212 
MET N    N N N 213 
MET CA   C N S 214 
MET C    C N N 215 
MET O    O N N 216 
MET CB   C N N 217 
MET CG   C N N 218 
MET SD   S N N 219 
MET CE   C N N 220 
MET OXT  O N N 221 
MET H    H N N 222 
MET H2   H N N 223 
MET HA   H N N 224 
MET HB2  H N N 225 
MET HB3  H N N 226 
MET HG2  H N N 227 
MET HG3  H N N 228 
MET HE1  H N N 229 
MET HE2  H N N 230 
MET HE3  H N N 231 
MET HXT  H N N 232 
PRO N    N N N 233 
PRO CA   C N S 234 
PRO C    C N N 235 
PRO O    O N N 236 
PRO CB   C N N 237 
PRO CG   C N N 238 
PRO CD   C N N 239 
PRO OXT  O N N 240 
PRO H    H N N 241 
PRO HA   H N N 242 
PRO HB2  H N N 243 
PRO HB3  H N N 244 
PRO HG2  H N N 245 
PRO HG3  H N N 246 
PRO HD2  H N N 247 
PRO HD3  H N N 248 
PRO HXT  H N N 249 
SER N    N N N 250 
SER CA   C N S 251 
SER C    C N N 252 
SER O    O N N 253 
SER CB   C N N 254 
SER OG   O N N 255 
SER OXT  O N N 256 
SER H    H N N 257 
SER H2   H N N 258 
SER HA   H N N 259 
SER HB2  H N N 260 
SER HB3  H N N 261 
SER HG   H N N 262 
SER HXT  H N N 263 
TRP N    N N N 264 
TRP CA   C N S 265 
TRP C    C N N 266 
TRP O    O N N 267 
TRP CB   C N N 268 
TRP CG   C Y N 269 
TRP CD1  C Y N 270 
TRP CD2  C Y N 271 
TRP NE1  N Y N 272 
TRP CE2  C Y N 273 
TRP CE3  C Y N 274 
TRP CZ2  C Y N 275 
TRP CZ3  C Y N 276 
TRP CH2  C Y N 277 
TRP OXT  O N N 278 
TRP H    H N N 279 
TRP H2   H N N 280 
TRP HA   H N N 281 
TRP HB2  H N N 282 
TRP HB3  H N N 283 
TRP HD1  H N N 284 
TRP HE1  H N N 285 
TRP HE3  H N N 286 
TRP HZ2  H N N 287 
TRP HZ3  H N N 288 
TRP HH2  H N N 289 
TRP HXT  H N N 290 
TYR N    N N N 291 
TYR CA   C N S 292 
TYR C    C N N 293 
TYR O    O N N 294 
TYR CB   C N N 295 
TYR CG   C Y N 296 
TYR CD1  C Y N 297 
TYR CD2  C Y N 298 
TYR CE1  C Y N 299 
TYR CE2  C Y N 300 
TYR CZ   C Y N 301 
TYR OH   O N N 302 
TYR OXT  O N N 303 
TYR H    H N N 304 
TYR H2   H N N 305 
TYR HA   H N N 306 
TYR HB2  H N N 307 
TYR HB3  H N N 308 
TYR HD1  H N N 309 
TYR HD2  H N N 310 
TYR HE1  H N N 311 
TYR HE2  H N N 312 
TYR HH   H N N 313 
TYR HXT  H N N 314 
VAL N    N N N 315 
VAL CA   C N S 316 
VAL C    C N N 317 
VAL O    O N N 318 
VAL CB   C N N 319 
VAL CG1  C N N 320 
VAL CG2  C N N 321 
VAL OXT  O N N 322 
VAL H    H N N 323 
VAL H2   H N N 324 
VAL HA   H N N 325 
VAL HB   H N N 326 
VAL HG11 H N N 327 
VAL HG12 H N N 328 
VAL HG13 H N N 329 
VAL HG21 H N N 330 
VAL HG22 H N N 331 
VAL HG23 H N N 332 
VAL HXT  H N N 333 
# 
loop_
_chem_comp_bond.comp_id 
_chem_comp_bond.atom_id_1 
_chem_comp_bond.atom_id_2 
_chem_comp_bond.value_order 
_chem_comp_bond.pdbx_aromatic_flag 
_chem_comp_bond.pdbx_stereo_config 
_chem_comp_bond.pdbx_ordinal 
ALA N   CA   sing N N 1   
ALA N   H    sing N N 2   
ALA N   H2   sing N N 3   
ALA CA  C    sing N N 4   
ALA CA  CB   sing N N 5   
ALA CA  HA   sing N N 6   
ALA C   O    doub N N 7   
ALA C   OXT  sing N N 8   
ALA CB  HB1  sing N N 9   
ALA CB  HB2  sing N N 10  
ALA CB  HB3  sing N N 11  
ALA OXT HXT  sing N N 12  
ARG N   CA   sing N N 13  
ARG N   H    sing N N 14  
ARG N   H2   sing N N 15  
ARG CA  C    sing N N 16  
ARG CA  CB   sing N N 17  
ARG CA  HA   sing N N 18  
ARG C   O    doub N N 19  
ARG C   OXT  sing N N 20  
ARG CB  CG   sing N N 21  
ARG CB  HB2  sing N N 22  
ARG CB  HB3  sing N N 23  
ARG CG  CD   sing N N 24  
ARG CG  HG2  sing N N 25  
ARG CG  HG3  sing N N 26  
ARG CD  NE   sing N N 27  
ARG CD  HD2  sing N N 28  
ARG CD  HD3  sing N N 29  
ARG NE  CZ   sing N N 30  
ARG NE  HE   sing N N 31  
ARG CZ  NH1  sing N N 32  
ARG CZ  NH2  doub N N 33  
ARG NH1 HH11 sing N N 34  
ARG NH1 HH12 sing N N 35  
ARG NH2 HH21 sing N N 36  
ARG NH2 HH22 sing N N 37  
ARG OXT HXT  sing N N 38  
ASN N   CA   sing N N 39  
ASN N   H    sing N N 40  
ASN N   H2   sing N N 41  
ASN CA  C    sing N N 42  
ASN CA  CB   sing N N 43  
ASN CA  HA   sing N N 44  
ASN C   O    doub N N 45  
ASN C   OXT  sing N N 46  
ASN CB  CG   sing N N 47  
ASN CB  HB2  sing N N 48  
ASN CB  HB3  sing N N 49  
ASN CG  OD1  doub N N 50  
ASN CG  ND2  sing N N 51  
ASN ND2 HD21 sing N N 52  
ASN ND2 HD22 sing N N 53  
ASN OXT HXT  sing N N 54  
ASP N   CA   sing N N 55  
ASP N   H    sing N N 56  
ASP N   H2   sing N N 57  
ASP CA  C    sing N N 58  
ASP CA  CB   sing N N 59  
ASP CA  HA   sing N N 60  
ASP C   O    doub N N 61  
ASP C   OXT  sing N N 62  
ASP CB  CG   sing N N 63  
ASP CB  HB2  sing N N 64  
ASP CB  HB3  sing N N 65  
ASP CG  OD1  doub N N 66  
ASP CG  OD2  sing N N 67  
ASP OD2 HD2  sing N N 68  
ASP OXT HXT  sing N N 69  
GLN N   CA   sing N N 70  
GLN N   H    sing N N 71  
GLN N   H2   sing N N 72  
GLN CA  C    sing N N 73  
GLN CA  CB   sing N N 74  
GLN CA  HA   sing N N 75  
GLN C   O    doub N N 76  
GLN C   OXT  sing N N 77  
GLN CB  CG   sing N N 78  
GLN CB  HB2  sing N N 79  
GLN CB  HB3  sing N N 80  
GLN CG  CD   sing N N 81  
GLN CG  HG2  sing N N 82  
GLN CG  HG3  sing N N 83  
GLN CD  OE1  doub N N 84  
GLN CD  NE2  sing N N 85  
GLN NE2 HE21 sing N N 86  
GLN NE2 HE22 sing N N 87  
GLN OXT HXT  sing N N 88  
GLU N   CA   sing N N 89  
GLU N   H    sing N N 90  
GLU N   H2   sing N N 91  
GLU CA  C    sing N N 92  
GLU CA  CB   sing N N 93  
GLU CA  HA   sing N N 94  
GLU C   O    doub N N 95  
GLU C   OXT  sing N N 96  
GLU CB  CG   sing N N 97  
GLU CB  HB2  sing N N 98  
GLU CB  HB3  sing N N 99  
GLU CG  CD   sing N N 100 
GLU CG  HG2  sing N N 101 
GLU CG  HG3  sing N N 102 
GLU CD  OE1  doub N N 103 
GLU CD  OE2  sing N N 104 
GLU OE2 HE2  sing N N 105 
GLU OXT HXT  sing N N 106 
GLY N   CA   sing N N 107 
GLY N   H    sing N N 108 
GLY N   H2   sing N N 109 
GLY CA  C    sing N N 110 
GLY CA  HA2  sing N N 111 
GLY CA  HA3  sing N N 112 
GLY C   O    doub N N 113 
GLY C   OXT  sing N N 114 
GLY OXT HXT  sing N N 115 
HIS N   CA   sing N N 116 
HIS N   H    sing N N 117 
HIS N   H2   sing N N 118 
HIS CA  C    sing N N 119 
HIS CA  CB   sing N N 120 
HIS CA  HA   sing N N 121 
HIS C   O    doub N N 122 
HIS C   OXT  sing N N 123 
HIS CB  CG   sing N N 124 
HIS CB  HB2  sing N N 125 
HIS CB  HB3  sing N N 126 
HIS CG  ND1  sing Y N 127 
HIS CG  CD2  doub Y N 128 
HIS ND1 CE1  doub Y N 129 
HIS ND1 HD1  sing N N 130 
HIS CD2 NE2  sing Y N 131 
HIS CD2 HD2  sing N N 132 
HIS CE1 NE2  sing Y N 133 
HIS CE1 HE1  sing N N 134 
HIS NE2 HE2  sing N N 135 
HIS OXT HXT  sing N N 136 
ILE N   CA   sing N N 137 
ILE N   H    sing N N 138 
ILE N   H2   sing N N 139 
ILE CA  C    sing N N 140 
ILE CA  CB   sing N N 141 
ILE CA  HA   sing N N 142 
ILE C   O    doub N N 143 
ILE C   OXT  sing N N 144 
ILE CB  CG1  sing N N 145 
ILE CB  CG2  sing N N 146 
ILE CB  HB   sing N N 147 
ILE CG1 CD1  sing N N 148 
ILE CG1 HG12 sing N N 149 
ILE CG1 HG13 sing N N 150 
ILE CG2 HG21 sing N N 151 
ILE CG2 HG22 sing N N 152 
ILE CG2 HG23 sing N N 153 
ILE CD1 HD11 sing N N 154 
ILE CD1 HD12 sing N N 155 
ILE CD1 HD13 sing N N 156 
ILE OXT HXT  sing N N 157 
LEU N   CA   sing N N 158 
LEU N   H    sing N N 159 
LEU N   H2   sing N N 160 
LEU CA  C    sing N N 161 
LEU CA  CB   sing N N 162 
LEU CA  HA   sing N N 163 
LEU C   O    doub N N 164 
LEU C   OXT  sing N N 165 
LEU CB  CG   sing N N 166 
LEU CB  HB2  sing N N 167 
LEU CB  HB3  sing N N 168 
LEU CG  CD1  sing N N 169 
LEU CG  CD2  sing N N 170 
LEU CG  HG   sing N N 171 
LEU CD1 HD11 sing N N 172 
LEU CD1 HD12 sing N N 173 
LEU CD1 HD13 sing N N 174 
LEU CD2 HD21 sing N N 175 
LEU CD2 HD22 sing N N 176 
LEU CD2 HD23 sing N N 177 
LEU OXT HXT  sing N N 178 
LYS N   CA   sing N N 179 
LYS N   H    sing N N 180 
LYS N   H2   sing N N 181 
LYS CA  C    sing N N 182 
LYS CA  CB   sing N N 183 
LYS CA  HA   sing N N 184 
LYS C   O    doub N N 185 
LYS C   OXT  sing N N 186 
LYS CB  CG   sing N N 187 
LYS CB  HB2  sing N N 188 
LYS CB  HB3  sing N N 189 
LYS CG  CD   sing N N 190 
LYS CG  HG2  sing N N 191 
LYS CG  HG3  sing N N 192 
LYS CD  CE   sing N N 193 
LYS CD  HD2  sing N N 194 
LYS CD  HD3  sing N N 195 
LYS CE  NZ   sing N N 196 
LYS CE  HE2  sing N N 197 
LYS CE  HE3  sing N N 198 
LYS NZ  HZ1  sing N N 199 
LYS NZ  HZ2  sing N N 200 
LYS NZ  HZ3  sing N N 201 
LYS OXT HXT  sing N N 202 
MET N   CA   sing N N 203 
MET N   H    sing N N 204 
MET N   H2   sing N N 205 
MET CA  C    sing N N 206 
MET CA  CB   sing N N 207 
MET CA  HA   sing N N 208 
MET C   O    doub N N 209 
MET C   OXT  sing N N 210 
MET CB  CG   sing N N 211 
MET CB  HB2  sing N N 212 
MET CB  HB3  sing N N 213 
MET CG  SD   sing N N 214 
MET CG  HG2  sing N N 215 
MET CG  HG3  sing N N 216 
MET SD  CE   sing N N 217 
MET CE  HE1  sing N N 218 
MET CE  HE2  sing N N 219 
MET CE  HE3  sing N N 220 
MET OXT HXT  sing N N 221 
PRO N   CA   sing N N 222 
PRO N   CD   sing N N 223 
PRO N   H    sing N N 224 
PRO CA  C    sing N N 225 
PRO CA  CB   sing N N 226 
PRO CA  HA   sing N N 227 
PRO C   O    doub N N 228 
PRO C   OXT  sing N N 229 
PRO CB  CG   sing N N 230 
PRO CB  HB2  sing N N 231 
PRO CB  HB3  sing N N 232 
PRO CG  CD   sing N N 233 
PRO CG  HG2  sing N N 234 
PRO CG  HG3  sing N N 235 
PRO CD  HD2  sing N N 236 
PRO CD  HD3  sing N N 237 
PRO OXT HXT  sing N N 238 
SER N   CA   sing N N 239 
SER N   H    sing N N 240 
SER N   H2   sing N N 241 
SER CA  C    sing N N 242 
SER CA  CB   sing N N 243 
SER CA  HA   sing N N 244 
SER C   O    doub N N 245 
SER C   OXT  sing N N 246 
SER CB  OG   sing N N 247 
SER CB  HB2  sing N N 248 
SER CB  HB3  sing N N 249 
SER OG  HG   sing N N 250 
SER OXT HXT  sing N N 251 
TRP N   CA   sing N N 252 
TRP N   H    sing N N 253 
TRP N   H2   sing N N 254 
TRP CA  C    sing N N 255 
TRP CA  CB   sing N N 256 
TRP CA  HA   sing N N 257 
TRP C   O    doub N N 258 
TRP C   OXT  sing N N 259 
TRP CB  CG   sing N N 260 
TRP CB  HB2  sing N N 261 
TRP CB  HB3  sing N N 262 
TRP CG  CD1  doub Y N 263 
TRP CG  CD2  sing Y N 264 
TRP CD1 NE1  sing Y N 265 
TRP CD1 HD1  sing N N 266 
TRP CD2 CE2  doub Y N 267 
TRP CD2 CE3  sing Y N 268 
TRP NE1 CE2  sing Y N 269 
TRP NE1 HE1  sing N N 270 
TRP CE2 CZ2  sing Y N 271 
TRP CE3 CZ3  doub Y N 272 
TRP CE3 HE3  sing N N 273 
TRP CZ2 CH2  doub Y N 274 
TRP CZ2 HZ2  sing N N 275 
TRP CZ3 CH2  sing Y N 276 
TRP CZ3 HZ3  sing N N 277 
TRP CH2 HH2  sing N N 278 
TRP OXT HXT  sing N N 279 
TYR N   CA   sing N N 280 
TYR N   H    sing N N 281 
TYR N   H2   sing N N 282 
TYR CA  C    sing N N 283 
TYR CA  CB   sing N N 284 
TYR CA  HA   sing N N 285 
TYR C   O    doub N N 286 
TYR C   OXT  sing N N 287 
TYR CB  CG   sing N N 288 
TYR CB  HB2  sing N N 289 
TYR CB  HB3  sing N N 290 
TYR CG  CD1  doub Y N 291 
TYR CG  CD2  sing Y N 292 
TYR CD1 CE1  sing Y N 293 
TYR CD1 HD1  sing N N 294 
TYR CD2 CE2  doub Y N 295 
TYR CD2 HD2  sing N N 296 
TYR CE1 CZ   doub Y N 297 
TYR CE1 HE1  sing N N 298 
TYR CE2 CZ   sing Y N 299 
TYR CE2 HE2  sing N N 300 
TYR CZ  OH   sing N N 301 
TYR OH  HH   sing N N 302 
TYR OXT HXT  sing N N 303 
VAL N   CA   sing N N 304 
VAL N   H    sing N N 305 
VAL N   H2   sing N N 306 
VAL CA  C    sing N N 307 
VAL CA  CB   sing N N 308 
VAL CA  HA   sing N N 309 
VAL C   O    doub N N 310 
VAL C   OXT  sing N N 311 
VAL CB  CG1  sing N N 312 
VAL CB  CG2  sing N N 313 
VAL CB  HB   sing N N 314 
VAL CG1 HG11 sing N N 315 
VAL CG1 HG12 sing N N 316 
VAL CG1 HG13 sing N N 317 
VAL CG2 HG21 sing N N 318 
VAL CG2 HG22 sing N N 319 
VAL CG2 HG23 sing N N 320 
VAL OXT HXT  sing N N 321 
# 
_pdbx_nmr_spectrometer.field_strength    600 
_pdbx_nmr_spectrometer.manufacturer      Bruker 
_pdbx_nmr_spectrometer.model             AVANCE 
_pdbx_nmr_spectrometer.spectrometer_id   1 
_pdbx_nmr_spectrometer.type              'Bruker AVANCE' 
# 
_atom_sites.entry_id                    2N29 
_atom_sites.fract_transf_matrix[1][1]   1.000000 
_atom_sites.fract_transf_matrix[1][2]   0.000000 
_atom_sites.fract_transf_matrix[1][3]   0.000000 
_atom_sites.fract_transf_matrix[2][1]   0.000000 
_atom_sites.fract_transf_matrix[2][2]   1.000000 
_atom_sites.fract_transf_matrix[2][3]   0.000000 
_atom_sites.fract_transf_matrix[3][1]   0.000000 
_atom_sites.fract_transf_matrix[3][2]   0.000000 
_atom_sites.fract_transf_matrix[3][3]   1.000000 
_atom_sites.fract_transf_vector[1]      0.00000 
_atom_sites.fract_transf_vector[2]      0.00000 
_atom_sites.fract_transf_vector[3]      0.00000 
# 
loop_
_atom_type.symbol 
C 
H 
N 
O 
# 
loop_
_atom_site.group_PDB 
_atom_site.id 
_atom_site.type_symbol 
_atom_site.label_atom_id 
_atom_site.label_alt_id 
_atom_site.label_comp_id 
_atom_site.label_asym_id 
_atom_site.label_entity_id 
_atom_site.label_seq_id 
_atom_site.pdbx_PDB_ins_code 
_atom_site.Cartn_x 
_atom_site.Cartn_y 
_atom_site.Cartn_z 
_atom_site.occupancy 
_atom_site.B_iso_or_equiv 
_atom_site.pdbx_formal_charge 
_atom_site.auth_seq_id 
_atom_site.auth_comp_id 
_atom_site.auth_asym_id 
_atom_site.auth_atom_id 
_atom_site.pdbx_PDB_model_num 
ATOM 1   N N    . GLU A 1 1  ? 15.642  13.524  -2.209  1.00 0.00 ?  1  GLU A N    1 
ATOM 2   C CA   . GLU A 1 1  ? 16.705  13.580  -1.167  1.00 0.00 ?  1  GLU A CA   1 
ATOM 3   C C    . GLU A 1 1  ? 17.617  14.780  -1.441  1.00 0.00 ?  1  GLU A C    1 
ATOM 4   O O    . GLU A 1 1  ? 17.696  15.697  -0.625  1.00 0.00 ?  1  GLU A O    1 
ATOM 5   C CB   . GLU A 1 1  ? 17.521  12.285  -1.206  1.00 0.00 ?  1  GLU A CB   1 
ATOM 6   C CG   . GLU A 1 1  ? 18.571  12.306  -0.094  1.00 0.00 ?  1  GLU A CG   1 
ATOM 7   C CD   . GLU A 1 1  ? 19.349  10.995  -0.085  1.00 0.00 ?  1  GLU A CD   1 
ATOM 8   O OE1  . GLU A 1 1  ? 19.056  10.151  -0.916  1.00 0.00 -1 1  GLU A OE1  1 
ATOM 9   O OE2  . GLU A 1 1  ? 20.225  10.854  0.751   1.00 0.00 ?  1  GLU A OE2  1 
ATOM 10  H H1   . GLU A 1 1  ? 15.343  12.539  -2.346  1.00 0.00 ?  1  GLU A H1   1 
ATOM 11  H H2   . GLU A 1 1  ? 16.015  13.903  -3.104  1.00 0.00 ?  1  GLU A H2   1 
ATOM 12  H H3   . GLU A 1 1  ? 14.828  14.093  -1.903  1.00 0.00 ?  1  GLU A H3   1 
ATOM 13  H HA   . GLU A 1 1  ? 16.241  13.686  -0.183  1.00 0.00 ?  1  GLU A HA   1 
ATOM 14  H HB2  . GLU A 1 1  ? 16.860  11.440  -1.062  1.00 0.00 ?  1  GLU A HB2  1 
ATOM 15  H HB3  . GLU A 1 1  ? 18.013  12.198  -2.162  1.00 0.00 ?  1  GLU A HB3  1 
ATOM 16  H HG2  . GLU A 1 1  ? 19.254  13.126  -0.261  1.00 0.00 ?  1  GLU A HG2  1 
ATOM 17  H HG3  . GLU A 1 1  ? 18.081  12.437  0.861   1.00 0.00 ?  1  GLU A HG3  1 
ATOM 18  N N    . TYR A 1 2  ? 18.304  14.784  -2.596  1.00 0.00 ?  2  TYR A N    1 
ATOM 19  C CA   . TYR A 1 2  ? 19.190  15.914  -2.927  1.00 0.00 ?  2  TYR A CA   1 
ATOM 20  C C    . TYR A 1 2  ? 18.364  17.161  -3.222  1.00 0.00 ?  2  TYR A C    1 
ATOM 21  O O    . TYR A 1 2  ? 18.731  18.269  -2.831  1.00 0.00 ?  2  TYR A O    1 
ATOM 22  C CB   . TYR A 1 2  ? 20.045  15.566  -4.147  1.00 0.00 ?  2  TYR A CB   1 
ATOM 23  C CG   . TYR A 1 2  ? 20.974  14.425  -3.805  1.00 0.00 ?  2  TYR A CG   1 
ATOM 24  C CD1  . TYR A 1 2  ? 22.233  14.689  -3.252  1.00 0.00 ?  2  TYR A CD1  1 
ATOM 25  C CD2  . TYR A 1 2  ? 20.577  13.104  -4.043  1.00 0.00 ?  2  TYR A CD2  1 
ATOM 26  C CE1  . TYR A 1 2  ? 23.095  13.632  -2.937  1.00 0.00 ?  2  TYR A CE1  1 
ATOM 27  C CE2  . TYR A 1 2  ? 21.439  12.046  -3.728  1.00 0.00 ?  2  TYR A CE2  1 
ATOM 28  C CZ   . TYR A 1 2  ? 22.698  12.311  -3.175  1.00 0.00 ?  2  TYR A CZ   1 
ATOM 29  O OH   . TYR A 1 2  ? 23.548  11.268  -2.864  1.00 0.00 ?  2  TYR A OH   1 
ATOM 30  H H    . TYR A 1 2  ? 18.202  14.025  -3.245  1.00 0.00 ?  2  TYR A H    1 
ATOM 31  H HA   . TYR A 1 2  ? 19.849  16.132  -2.081  1.00 0.00 ?  2  TYR A HA   1 
ATOM 32  H HB2  . TYR A 1 2  ? 19.402  15.274  -4.964  1.00 0.00 ?  2  TYR A HB2  1 
ATOM 33  H HB3  . TYR A 1 2  ? 20.626  16.428  -4.436  1.00 0.00 ?  2  TYR A HB3  1 
ATOM 34  H HD1  . TYR A 1 2  ? 22.539  15.708  -3.069  1.00 0.00 ?  2  TYR A HD1  1 
ATOM 35  H HD2  . TYR A 1 2  ? 19.606  12.900  -4.470  1.00 0.00 ?  2  TYR A HD2  1 
ATOM 36  H HE1  . TYR A 1 2  ? 24.066  13.835  -2.510  1.00 0.00 ?  2  TYR A HE1  1 
ATOM 37  H HE2  . TYR A 1 2  ? 21.133  11.027  -3.912  1.00 0.00 ?  2  TYR A HE2  1 
ATOM 38  H HH   . TYR A 1 2  ? 23.139  10.750  -2.167  1.00 0.00 ?  2  TYR A HH   1 
ATOM 39  N N    . ARG A 1 3  ? 17.245  16.970  -3.916  1.00 0.00 ?  3  ARG A N    1 
ATOM 40  C CA   . ARG A 1 3  ? 16.362  18.080  -4.267  1.00 0.00 ?  3  ARG A CA   1 
ATOM 41  C C    . ARG A 1 3  ? 15.260  18.232  -3.226  1.00 0.00 ?  3  ARG A C    1 
ATOM 42  O O    . ARG A 1 3  ? 14.074  18.159  -3.547  1.00 0.00 ?  3  ARG A O    1 
ATOM 43  C CB   . ARG A 1 3  ? 15.737  17.829  -5.640  1.00 0.00 ?  3  ARG A CB   1 
ATOM 44  C CG   . ARG A 1 3  ? 16.821  17.922  -6.716  1.00 0.00 ?  3  ARG A CG   1 
ATOM 45  C CD   . ARG A 1 3  ? 16.208  17.644  -8.089  1.00 0.00 ?  3  ARG A CD   1 
ATOM 46  N NE   . ARG A 1 3  ? 17.232  17.731  -9.123  1.00 0.00 ?  3  ARG A NE   1 
ATOM 47  C CZ   . ARG A 1 3  ? 16.937  17.524  -10.402 1.00 0.00 ?  3  ARG A CZ   1 
ATOM 48  N NH1  . ARG A 1 3  ? 15.714  17.235  -10.752 1.00 0.00 ?  3  ARG A NH1  1 
ATOM 49  N NH2  . ARG A 1 3  ? 17.872  17.609  -11.308 1.00 0.00 1  3  ARG A NH2  1 
ATOM 50  H H    . ARG A 1 3  ? 17.010  16.064  -4.202  1.00 0.00 ?  3  ARG A H    1 
ATOM 51  H HA   . ARG A 1 3  ? 16.934  18.997  -4.309  1.00 0.00 ?  3  ARG A HA   1 
ATOM 52  H HB2  . ARG A 1 3  ? 15.294  16.844  -5.660  1.00 0.00 ?  3  ARG A HB2  1 
ATOM 53  H HB3  . ARG A 1 3  ? 14.977  18.572  -5.833  1.00 0.00 ?  3  ARG A HB3  1 
ATOM 54  H HG2  . ARG A 1 3  ? 17.251  18.914  -6.708  1.00 0.00 ?  3  ARG A HG2  1 
ATOM 55  H HG3  . ARG A 1 3  ? 17.592  17.195  -6.514  1.00 0.00 ?  3  ARG A HG3  1 
ATOM 56  H HD2  . ARG A 1 3  ? 15.779  16.654  -8.095  1.00 0.00 ?  3  ARG A HD2  1 
ATOM 57  H HD3  . ARG A 1 3  ? 15.433  18.370  -8.288  1.00 0.00 ?  3  ARG A HD3  1 
ATOM 58  H HE   . ARG A 1 3  ? 18.154  17.946  -8.870  1.00 0.00 ?  3  ARG A HE   1 
ATOM 59  H HH11 . ARG A 1 3  ? 14.998  17.170  -10.056 1.00 0.00 ?  3  ARG A HH11 1 
ATOM 60  H HH12 . ARG A 1 3  ? 15.492  17.079  -11.714 1.00 0.00 ?  3  ARG A HH12 1 
ATOM 61  H HH21 . ARG A 1 3  ? 18.810  17.829  -11.041 1.00 0.00 ?  3  ARG A HH21 1 
ATOM 62  H HH22 . ARG A 1 3  ? 17.651  17.453  -12.272 1.00 0.00 ?  3  ARG A HH22 1 
ATOM 63  N N    . LYS A 1 4  ? 15.663  18.446  -1.977  1.00 0.00 ?  4  LYS A N    1 
ATOM 64  C CA   . LYS A 1 4  ? 14.720  18.613  -0.884  1.00 0.00 ?  4  LYS A CA   1 
ATOM 65  C C    . LYS A 1 4  ? 13.514  17.680  -1.024  1.00 0.00 ?  4  LYS A C    1 
ATOM 66  O O    . LYS A 1 4  ? 12.567  17.983  -1.745  1.00 0.00 ?  4  LYS A O    1 
ATOM 67  C CB   . LYS A 1 4  ? 14.245  20.066  -0.834  1.00 0.00 ?  4  LYS A CB   1 
ATOM 68  C CG   . LYS A 1 4  ? 13.293  20.244  0.346   1.00 0.00 ?  4  LYS A CG   1 
ATOM 69  C CD   . LYS A 1 4  ? 12.816  21.693  0.419   1.00 0.00 ?  4  LYS A CD   1 
ATOM 70  C CE   . LYS A 1 4  ? 11.845  21.840  1.591   1.00 0.00 ?  4  LYS A CE   1 
ATOM 71  N NZ   . LYS A 1 4  ? 11.378  23.252  1.677   1.00 0.00 1  4  LYS A NZ   1 
ATOM 72  H H    . LYS A 1 4  ? 16.619  18.498  -1.783  1.00 0.00 ?  4  LYS A H    1 
ATOM 73  H HA   . LYS A 1 4  ? 15.223  18.387  0.043   1.00 0.00 ?  4  LYS A HA   1 
ATOM 74  H HB2  . LYS A 1 4  ? 15.097  20.720  -0.714  1.00 0.00 ?  4  LYS A HB2  1 
ATOM 75  H HB3  . LYS A 1 4  ? 13.729  20.310  -1.751  1.00 0.00 ?  4  LYS A HB3  1 
ATOM 76  H HG2  . LYS A 1 4  ? 12.445  19.597  0.219   1.00 0.00 ?  4  LYS A HG2  1 
ATOM 77  H HG3  . LYS A 1 4  ? 13.805  19.989  1.262   1.00 0.00 ?  4  LYS A HG3  1 
ATOM 78  H HD2  . LYS A 1 4  ? 13.665  22.345  0.568   1.00 0.00 ?  4  LYS A HD2  1 
ATOM 79  H HD3  . LYS A 1 4  ? 12.314  21.956  -0.499  1.00 0.00 ?  4  LYS A HD3  1 
ATOM 80  H HE2  . LYS A 1 4  ? 10.997  21.187  1.436   1.00 0.00 ?  4  LYS A HE2  1 
ATOM 81  H HE3  . LYS A 1 4  ? 12.345  21.568  2.509   1.00 0.00 ?  4  LYS A HE3  1 
ATOM 82  H HZ1  . LYS A 1 4  ? 11.381  23.677  0.729   1.00 0.00 ?  4  LYS A HZ1  1 
ATOM 83  H HZ2  . LYS A 1 4  ? 12.015  23.790  2.301   1.00 0.00 ?  4  LYS A HZ2  1 
ATOM 84  H HZ3  . LYS A 1 4  ? 10.413  23.277  2.062   1.00 0.00 ?  4  LYS A HZ3  1 
ATOM 85  N N    . ILE A 1 5  ? 13.552  16.569  -0.292  1.00 0.00 ?  5  ILE A N    1 
ATOM 86  C CA   . ILE A 1 5  ? 12.460  15.596  -0.276  1.00 0.00 ?  5  ILE A CA   1 
ATOM 87  C C    . ILE A 1 5  ? 11.780  15.502  -1.650  1.00 0.00 ?  5  ILE A C    1 
ATOM 88  O O    . ILE A 1 5  ? 12.462  15.578  -2.667  1.00 0.00 ?  5  ILE A O    1 
ATOM 89  C CB   . ILE A 1 5  ? 11.461  15.987  0.829   1.00 0.00 ?  5  ILE A CB   1 
ATOM 90  C CG1  . ILE A 1 5  ? 12.249  16.247  2.126   1.00 0.00 ?  5  ILE A CG1  1 
ATOM 91  C CG2  . ILE A 1 5  ? 10.423  14.849  1.068   1.00 0.00 ?  5  ILE A CG2  1 
ATOM 92  C CD1  . ILE A 1 5  ? 11.310  16.815  3.183   1.00 0.00 ?  5  ILE A CD1  1 
ATOM 93  H H    . ILE A 1 5  ? 14.323  16.412  0.278   1.00 0.00 ?  5  ILE A H    1 
ATOM 94  H HA   . ILE A 1 5  ? 12.871  14.628  -0.036  1.00 0.00 ?  5  ILE A HA   1 
ATOM 95  H HB   . ILE A 1 5  ? 10.950  16.897  0.539   1.00 0.00 ?  5  ILE A HB   1 
ATOM 96  H HG12 . ILE A 1 5  ? 12.672  15.319  2.483   1.00 0.00 ?  5  ILE A HG12 1 
ATOM 97  H HG13 . ILE A 1 5  ? 13.041  16.955  1.943   1.00 0.00 ?  5  ILE A HG13 1 
ATOM 98  H HG21 . ILE A 1 5  ? 9.426   15.227  0.891   1.00 0.00 ?  5  ILE A HG21 1 
ATOM 99  H HG22 . ILE A 1 5  ? 10.485  14.491  2.087   1.00 0.00 ?  5  ILE A HG22 1 
ATOM 100 H HG23 . ILE A 1 5  ? 10.613  14.024  0.395   1.00 0.00 ?  5  ILE A HG23 1 
ATOM 101 H HD11 . ILE A 1 5  ? 11.851  16.949  4.107   1.00 0.00 ?  5  ILE A HD11 1 
ATOM 102 H HD12 . ILE A 1 5  ? 10.489  16.133  3.340   1.00 0.00 ?  5  ILE A HD12 1 
ATOM 103 H HD13 . ILE A 1 5  ? 10.931  17.768  2.847   1.00 0.00 ?  5  ILE A HD13 1 
ATOM 104 N N    . LEU A 1 6  ? 10.458  15.278  -1.675  1.00 0.00 ?  6  LEU A N    1 
ATOM 105 C CA   . LEU A 1 6  ? 9.729   15.116  -2.940  1.00 0.00 ?  6  LEU A CA   1 
ATOM 106 C C    . LEU A 1 6  ? 10.071  13.755  -3.517  1.00 0.00 ?  6  LEU A C    1 
ATOM 107 O O    . LEU A 1 6  ? 9.194   13.051  -4.018  1.00 0.00 ?  6  LEU A O    1 
ATOM 108 C CB   . LEU A 1 6  ? 10.036  16.226  -3.974  1.00 0.00 ?  6  LEU A CB   1 
ATOM 109 C CG   . LEU A 1 6  ? 9.783   17.605  -3.350  1.00 0.00 ?  6  LEU A CG   1 
ATOM 110 C CD1  . LEU A 1 6  ? 10.159  18.692  -4.360  1.00 0.00 ?  6  LEU A CD1  1 
ATOM 111 C CD2  . LEU A 1 6  ? 8.299   17.747  -2.972  1.00 0.00 ?  6  LEU A CD2  1 
ATOM 112 H H    . LEU A 1 6  ? 9.961   15.165  -0.824  1.00 0.00 ?  6  LEU A H    1 
ATOM 113 H HA   . LEU A 1 6  ? 8.670   15.128  -2.723  1.00 0.00 ?  6  LEU A HA   1 
ATOM 114 H HB2  . LEU A 1 6  ? 11.059  16.160  -4.316  1.00 0.00 ?  6  LEU A HB2  1 
ATOM 115 H HB3  . LEU A 1 6  ? 9.378   16.106  -4.827  1.00 0.00 ?  6  LEU A HB3  1 
ATOM 116 H HG   . LEU A 1 6  ? 10.390  17.712  -2.465  1.00 0.00 ?  6  LEU A HG   1 
ATOM 117 H HD11 . LEU A 1 6  ? 11.206  18.603  -4.611  1.00 0.00 ?  6  LEU A HD11 1 
ATOM 118 H HD12 . LEU A 1 6  ? 9.975   19.664  -3.928  1.00 0.00 ?  6  LEU A HD12 1 
ATOM 119 H HD13 . LEU A 1 6  ? 9.563   18.575  -5.253  1.00 0.00 ?  6  LEU A HD13 1 
ATOM 120 H HD21 . LEU A 1 6  ? 8.043   18.795  -2.892  1.00 0.00 ?  6  LEU A HD21 1 
ATOM 121 H HD22 . LEU A 1 6  ? 8.123   17.268  -2.020  1.00 0.00 ?  6  LEU A HD22 1 
ATOM 122 H HD23 . LEU A 1 6  ? 7.683   17.285  -3.729  1.00 0.00 ?  6  LEU A HD23 1 
ATOM 123 N N    . ARG A 1 7  ? 11.346  13.367  -3.434  1.00 0.00 ?  7  ARG A N    1 
ATOM 124 C CA   . ARG A 1 7  ? 11.737  12.061  -3.949  1.00 0.00 ?  7  ARG A CA   1 
ATOM 125 C C    . ARG A 1 7  ? 10.977  10.973  -3.184  1.00 0.00 ?  7  ARG A C    1 
ATOM 126 O O    . ARG A 1 7  ? 11.054  9.790   -3.520  1.00 0.00 ?  7  ARG A O    1 
ATOM 127 C CB   . ARG A 1 7  ? 13.248  11.845  -3.789  1.00 0.00 ?  7  ARG A CB   1 
ATOM 128 C CG   . ARG A 1 7  ? 14.049  13.001  -4.419  1.00 0.00 ?  7  ARG A CG   1 
ATOM 129 C CD   . ARG A 1 7  ? 13.599  13.258  -5.862  1.00 0.00 ?  7  ARG A CD   1 
ATOM 130 N NE   . ARG A 1 7  ? 13.565  12.011  -6.616  1.00 0.00 ?  7  ARG A NE   1 
ATOM 131 C CZ   . ARG A 1 7  ? 13.051  11.965  -7.841  1.00 0.00 ?  7  ARG A CZ   1 
ATOM 132 N NH1  . ARG A 1 7  ? 12.566  13.046  -8.386  1.00 0.00 ?  7  ARG A NH1  1 
ATOM 133 N NH2  . ARG A 1 7  ? 13.032  10.838  -8.498  1.00 0.00 1  7  ARG A NH2  1 
ATOM 134 H H    . ARG A 1 7  ? 12.034  13.965  -3.030  1.00 0.00 ?  7  ARG A H    1 
ATOM 135 H HA   . ARG A 1 7  ? 11.474  11.992  -4.992  1.00 0.00 ?  7  ARG A HA   1 
ATOM 136 H HB2  . ARG A 1 7  ? 13.486  11.781  -2.738  1.00 0.00 ?  7  ARG A HB2  1 
ATOM 137 H HB3  . ARG A 1 7  ? 13.526  10.919  -4.271  1.00 0.00 ?  7  ARG A HB3  1 
ATOM 138 H HG2  . ARG A 1 7  ? 13.904  13.899  -3.838  1.00 0.00 ?  7  ARG A HG2  1 
ATOM 139 H HG3  . ARG A 1 7  ? 15.099  12.745  -4.419  1.00 0.00 ?  7  ARG A HG3  1 
ATOM 140 H HD2  . ARG A 1 7  ? 12.623  13.716  -5.866  1.00 0.00 ?  7  ARG A HD2  1 
ATOM 141 H HD3  . ARG A 1 7  ? 14.301  13.935  -6.330  1.00 0.00 ?  7  ARG A HD3  1 
ATOM 142 H HE   . ARG A 1 7  ? 13.925  11.194  -6.213  1.00 0.00 ?  7  ARG A HE   1 
ATOM 143 H HH11 . ARG A 1 7  ? 12.580  13.910  -7.881  1.00 0.00 ?  7  ARG A HH11 1 
ATOM 144 H HH12 . ARG A 1 7  ? 12.180  13.012  -9.307  1.00 0.00 ?  7  ARG A HH12 1 
ATOM 145 H HH21 . ARG A 1 7  ? 13.404  10.008  -8.081  1.00 0.00 ?  7  ARG A HH21 1 
ATOM 146 H HH22 . ARG A 1 7  ? 12.646  10.804  -9.420  1.00 0.00 ?  7  ARG A HH22 1 
ATOM 147 N N    . GLN A 1 8  ? 10.221  11.395  -2.166  1.00 0.00 ?  8  GLN A N    1 
ATOM 148 C CA   . GLN A 1 8  ? 9.424   10.463  -1.371  1.00 0.00 ?  8  GLN A CA   1 
ATOM 149 C C    . GLN A 1 8  ? 8.149   10.095  -2.129  1.00 0.00 ?  8  GLN A C    1 
ATOM 150 O O    . GLN A 1 8  ? 7.886   8.922   -2.382  1.00 0.00 ?  8  GLN A O    1 
ATOM 151 C CB   . GLN A 1 8  ? 9.059   11.103  -0.026  1.00 0.00 ?  8  GLN A CB   1 
ATOM 152 C CG   . GLN A 1 8  ? 8.352   10.081  0.871   1.00 0.00 ?  8  GLN A CG   1 
ATOM 153 C CD   . GLN A 1 8  ? 9.292   8.927   1.206   1.00 0.00 ?  8  GLN A CD   1 
ATOM 154 O OE1  . GLN A 1 8  ? 10.383  9.148   1.732   1.00 0.00 ?  8  GLN A OE1  1 
ATOM 155 N NE2  . GLN A 1 8  ? 8.932   7.702   0.933   1.00 0.00 ?  8  GLN A NE2  1 
ATOM 156 H H    . GLN A 1 8  ? 10.189  12.356  -1.977  1.00 0.00 ?  8  GLN A H    1 
ATOM 157 H HA   . GLN A 1 8  ? 10.001  9.569   -1.195  1.00 0.00 ?  8  GLN A HA   1 
ATOM 158 H HB2  . GLN A 1 8  ? 9.960   11.445  0.462   1.00 0.00 ?  8  GLN A HB2  1 
ATOM 159 H HB3  . GLN A 1 8  ? 8.403   11.943  -0.196  1.00 0.00 ?  8  GLN A HB3  1 
ATOM 160 H HG2  . GLN A 1 8  ? 8.040   10.564  1.785   1.00 0.00 ?  8  GLN A HG2  1 
ATOM 161 H HG3  . GLN A 1 8  ? 7.483   9.694   0.358   1.00 0.00 ?  8  GLN A HG3  1 
ATOM 162 H HE21 . GLN A 1 8  ? 8.063   7.529   0.514   1.00 0.00 ?  8  GLN A HE21 1 
ATOM 163 H HE22 . GLN A 1 8  ? 9.531   6.956   1.146   1.00 0.00 ?  8  GLN A HE22 1 
ATOM 164 N N    . ARG A 1 9  ? 7.352   11.117  -2.448  1.00 0.00 ?  9  ARG A N    1 
ATOM 165 C CA   . ARG A 1 9  ? 6.071   10.949  -3.152  1.00 0.00 ?  9  ARG A CA   1 
ATOM 166 C C    . ARG A 1 9  ? 6.141   9.902   -4.278  1.00 0.00 ?  9  ARG A C    1 
ATOM 167 O O    . ARG A 1 9  ? 5.118   9.526   -4.846  1.00 0.00 ?  9  ARG A O    1 
ATOM 168 C CB   . ARG A 1 9  ? 5.639   12.300  -3.734  1.00 0.00 ?  9  ARG A CB   1 
ATOM 169 C CG   . ARG A 1 9  ? 4.178   12.237  -4.191  1.00 0.00 ?  9  ARG A CG   1 
ATOM 170 C CD   . ARG A 1 9  ? 3.698   13.643  -4.555  1.00 0.00 ?  9  ARG A CD   1 
ATOM 171 N NE   . ARG A 1 9  ? 3.724   14.503  -3.378  1.00 0.00 ?  9  ARG A NE   1 
ATOM 172 C CZ   . ARG A 1 9  ? 3.429   15.797  -3.463  1.00 0.00 ?  9  ARG A CZ   1 
ATOM 173 N NH1  . ARG A 1 9  ? 3.111   16.319  -4.616  1.00 0.00 ?  9  ARG A NH1  1 
ATOM 174 N NH2  . ARG A 1 9  ? 3.462   16.545  -2.395  1.00 0.00 1  9  ARG A NH2  1 
ATOM 175 H H    . ARG A 1 9  ? 7.606   12.014  -2.142  1.00 0.00 ?  9  ARG A H    1 
ATOM 176 H HA   . ARG A 1 9  ? 5.325   10.635  -2.437  1.00 0.00 ?  9  ARG A HA   1 
ATOM 177 H HB2  . ARG A 1 9  ? 5.744   13.065  -2.978  1.00 0.00 ?  9  ARG A HB2  1 
ATOM 178 H HB3  . ARG A 1 9  ? 6.266   12.544  -4.578  1.00 0.00 ?  9  ARG A HB3  1 
ATOM 179 H HG2  . ARG A 1 9  ? 4.098   11.598  -5.058  1.00 0.00 ?  9  ARG A HG2  1 
ATOM 180 H HG3  . ARG A 1 9  ? 3.565   11.844  -3.395  1.00 0.00 ?  9  ARG A HG3  1 
ATOM 181 H HD2  . ARG A 1 9  ? 4.346   14.057  -5.313  1.00 0.00 ?  9  ARG A HD2  1 
ATOM 182 H HD3  . ARG A 1 9  ? 2.690   13.588  -4.940  1.00 0.00 ?  9  ARG A HD3  1 
ATOM 183 H HE   . ARG A 1 9  ? 3.963   14.121  -2.508  1.00 0.00 ?  9  ARG A HE   1 
ATOM 184 H HH11 . ARG A 1 9  ? 3.087   15.746  -5.435  1.00 0.00 ?  9  ARG A HH11 1 
ATOM 185 H HH12 . ARG A 1 9  ? 2.889   17.293  -4.680  1.00 0.00 ?  9  ARG A HH12 1 
ATOM 186 H HH21 . ARG A 1 9  ? 3.708   16.145  -1.512  1.00 0.00 ?  9  ARG A HH21 1 
ATOM 187 H HH22 . ARG A 1 9  ? 3.241   17.518  -2.458  1.00 0.00 ?  9  ARG A HH22 1 
ATOM 188 N N    . LYS A 1 10 ? 7.339   9.417   -4.579  1.00 0.00 ?  10 LYS A N    1 
ATOM 189 C CA   . LYS A 1 10 ? 7.504   8.406   -5.616  1.00 0.00 ?  10 LYS A CA   1 
ATOM 190 C C    . LYS A 1 10 ? 6.682   7.158   -5.274  1.00 0.00 ?  10 LYS A C    1 
ATOM 191 O O    . LYS A 1 10 ? 6.054   6.561   -6.148  1.00 0.00 ?  10 LYS A O    1 
ATOM 192 C CB   . LYS A 1 10 ? 8.984   8.034   -5.749  1.00 0.00 ?  10 LYS A CB   1 
ATOM 193 C CG   . LYS A 1 10 ? 9.164   7.001   -6.866  1.00 0.00 ?  10 LYS A CG   1 
ATOM 194 C CD   . LYS A 1 10 ? 10.650  6.675   -7.025  1.00 0.00 ?  10 LYS A CD   1 
ATOM 195 C CE   . LYS A 1 10 ? 10.835  5.664   -8.157  1.00 0.00 ?  10 LYS A CE   1 
ATOM 196 N NZ   . LYS A 1 10 ? 10.159  4.386   -7.796  1.00 0.00 1  10 LYS A NZ   1 
ATOM 197 H H    . LYS A 1 10 ? 8.114   9.733   -4.077  1.00 0.00 ?  10 LYS A H    1 
ATOM 198 H HA   . LYS A 1 10 ? 7.157   8.807   -6.557  1.00 0.00 ?  10 LYS A HA   1 
ATOM 199 H HB2  . LYS A 1 10 ? 9.556   8.920   -5.985  1.00 0.00 ?  10 LYS A HB2  1 
ATOM 200 H HB3  . LYS A 1 10 ? 9.334   7.617   -4.817  1.00 0.00 ?  10 LYS A HB3  1 
ATOM 201 H HG2  . LYS A 1 10 ? 8.625   6.098   -6.617  1.00 0.00 ?  10 LYS A HG2  1 
ATOM 202 H HG3  . LYS A 1 10 ? 8.784   7.402   -7.794  1.00 0.00 ?  10 LYS A HG3  1 
ATOM 203 H HD2  . LYS A 1 10 ? 11.193  7.580   -7.258  1.00 0.00 ?  10 LYS A HD2  1 
ATOM 204 H HD3  . LYS A 1 10 ? 11.027  6.256   -6.104  1.00 0.00 ?  10 LYS A HD3  1 
ATOM 205 H HE2  . LYS A 1 10 ? 10.401  6.056   -9.065  1.00 0.00 ?  10 LYS A HE2  1 
ATOM 206 H HE3  . LYS A 1 10 ? 11.889  5.483   -8.310  1.00 0.00 ?  10 LYS A HE3  1 
ATOM 207 H HZ1  . LYS A 1 10 ? 10.055  4.328   -6.764  1.00 0.00 ?  10 LYS A HZ1  1 
ATOM 208 H HZ2  . LYS A 1 10 ? 10.731  3.584   -8.133  1.00 0.00 ?  10 LYS A HZ2  1 
ATOM 209 H HZ3  . LYS A 1 10 ? 9.219   4.353   -8.240  1.00 0.00 ?  10 LYS A HZ3  1 
ATOM 210 N N    . ILE A 1 11 ? 6.693   6.769   -3.999  1.00 0.00 ?  11 ILE A N    1 
ATOM 211 C CA   . ILE A 1 11 ? 5.950   5.589   -3.556  1.00 0.00 ?  11 ILE A CA   1 
ATOM 212 C C    . ILE A 1 11 ? 4.451   5.654   -3.931  1.00 0.00 ?  11 ILE A C    1 
ATOM 213 O O    . ILE A 1 11 ? 3.798   4.613   -4.013  1.00 0.00 ?  11 ILE A O    1 
ATOM 214 C CB   . ILE A 1 11 ? 6.094   5.272   -2.046  1.00 0.00 ?  11 ILE A CB   1 
ATOM 215 C CG1  . ILE A 1 11 ? 6.187   6.539   -1.182  1.00 0.00 ?  11 ILE A CG1  1 
ATOM 216 C CG2  . ILE A 1 11 ? 7.360   4.438   -1.807  1.00 0.00 ?  11 ILE A CG2  1 
ATOM 217 C CD1  . ILE A 1 11 ? 5.092   7.536   -1.572  1.00 0.00 ?  11 ILE A CD1  1 
ATOM 218 H H    . ILE A 1 11 ? 7.215   7.280   -3.346  1.00 0.00 ?  11 ILE A H    1 
ATOM 219 H HA   . ILE A 1 11 ? 6.379   4.758   -4.100  1.00 0.00 ?  11 ILE A HA   1 
ATOM 220 H HB   . ILE A 1 11 ? 5.229   4.684   -1.743  1.00 0.00 ?  11 ILE A HB   1 
ATOM 221 H HG12 . ILE A 1 11 ? 6.062   6.263   -0.141  1.00 0.00 ?  11 ILE A HG12 1 
ATOM 222 H HG13 . ILE A 1 11 ? 7.161   6.993   -1.306  1.00 0.00 ?  11 ILE A HG13 1 
ATOM 223 H HG21 . ILE A 1 11 ? 7.511   4.309   -0.745  1.00 0.00 ?  11 ILE A HG21 1 
ATOM 224 H HG22 . ILE A 1 11 ? 8.213   4.950   -2.230  1.00 0.00 ?  11 ILE A HG22 1 
ATOM 225 H HG23 . ILE A 1 11 ? 7.250   3.472   -2.276  1.00 0.00 ?  11 ILE A HG23 1 
ATOM 226 H HD11 . ILE A 1 11 ? 5.366   8.039   -2.485  1.00 0.00 ?  11 ILE A HD11 1 
ATOM 227 H HD12 . ILE A 1 11 ? 4.973   8.264   -0.783  1.00 0.00 ?  11 ILE A HD12 1 
ATOM 228 H HD13 . ILE A 1 11 ? 4.162   7.009   -1.714  1.00 0.00 ?  11 ILE A HD13 1 
ATOM 229 N N    . ASP A 1 12 ? 3.886   6.857   -4.089  1.00 0.00 ?  12 ASP A N    1 
ATOM 230 C CA   . ASP A 1 12 ? 2.453   6.982   -4.365  1.00 0.00 ?  12 ASP A CA   1 
ATOM 231 C C    . ASP A 1 12 ? 2.066   6.043   -5.502  1.00 0.00 ?  12 ASP A C    1 
ATOM 232 O O    . ASP A 1 12 ? 0.913   5.630   -5.619  1.00 0.00 ?  12 ASP A O    1 
ATOM 233 C CB   . ASP A 1 12 ? 2.131   8.423   -4.767  1.00 0.00 ?  12 ASP A CB   1 
ATOM 234 C CG   . ASP A 1 12 ? 0.621   8.611   -4.870  1.00 0.00 ?  12 ASP A CG   1 
ATOM 235 O OD1  . ASP A 1 12 ? -0.086  7.618   -4.818  1.00 0.00 ?  12 ASP A OD1  1 
ATOM 236 O OD2  . ASP A 1 12 ? 0.194   9.747   -4.997  1.00 0.00 -1 12 ASP A OD2  1 
ATOM 237 H H    . ASP A 1 12 ? 4.419   7.668   -3.978  1.00 0.00 ?  12 ASP A H    1 
ATOM 238 H HA   . ASP A 1 12 ? 1.889   6.734   -3.474  1.00 0.00 ?  12 ASP A HA   1 
ATOM 239 H HB2  . ASP A 1 12 ? 2.528   9.099   -4.024  1.00 0.00 ?  12 ASP A HB2  1 
ATOM 240 H HB3  . ASP A 1 12 ? 2.582   8.637   -5.724  1.00 0.00 ?  12 ASP A HB3  1 
ATOM 241 N N    . ARG A 1 13 ? 3.042   5.705   -6.325  1.00 0.00 ?  13 ARG A N    1 
ATOM 242 C CA   . ARG A 1 13 ? 2.828   4.806   -7.453  1.00 0.00 ?  13 ARG A CA   1 
ATOM 243 C C    . ARG A 1 13 ? 2.272   3.447   -6.999  1.00 0.00 ?  13 ARG A C    1 
ATOM 244 O O    . ARG A 1 13 ? 1.608   2.761   -7.778  1.00 0.00 ?  13 ARG A O    1 
ATOM 245 C CB   . ARG A 1 13 ? 4.147   4.597   -8.200  1.00 0.00 ?  13 ARG A CB   1 
ATOM 246 C CG   . ARG A 1 13 ? 4.542   5.897   -8.905  1.00 0.00 ?  13 ARG A CG   1 
ATOM 247 C CD   . ARG A 1 13 ? 5.878   5.706   -9.623  1.00 0.00 ?  13 ARG A CD   1 
ATOM 248 N NE   . ARG A 1 13 ? 6.267   6.940   -10.297 1.00 0.00 ?  13 ARG A NE   1 
ATOM 249 C CZ   . ARG A 1 13 ? 7.402   7.020   -10.984 1.00 0.00 ?  13 ARG A CZ   1 
ATOM 250 N NH1  . ARG A 1 13 ? 8.191   5.983   -11.066 1.00 0.00 ?  13 ARG A NH1  1 
ATOM 251 N NH2  . ARG A 1 13 ? 7.727   8.136   -11.576 1.00 0.00 1  13 ARG A NH2  1 
ATOM 252 H H    . ARG A 1 13 ? 3.939   6.073   -6.177  1.00 0.00 ?  13 ARG A H    1 
ATOM 253 H HA   . ARG A 1 13 ? 2.121   5.261   -8.127  1.00 0.00 ?  13 ARG A HA   1 
ATOM 254 H HB2  . ARG A 1 13 ? 4.919   4.318   -7.497  1.00 0.00 ?  13 ARG A HB2  1 
ATOM 255 H HB3  . ARG A 1 13 ? 4.027   3.815   -8.933  1.00 0.00 ?  13 ARG A HB3  1 
ATOM 256 H HG2  . ARG A 1 13 ? 3.780   6.161   -9.623  1.00 0.00 ?  13 ARG A HG2  1 
ATOM 257 H HG3  . ARG A 1 13 ? 4.639   6.686   -8.174  1.00 0.00 ?  13 ARG A HG3  1 
ATOM 258 H HD2  . ARG A 1 13 ? 6.637   5.439   -8.904  1.00 0.00 ?  13 ARG A HD2  1 
ATOM 259 H HD3  . ARG A 1 13 ? 5.782   4.913   -10.351 1.00 0.00 ?  13 ARG A HD3  1 
ATOM 260 H HE   . ARG A 1 13 ? 5.682   7.724   -10.240 1.00 0.00 ?  13 ARG A HE   1 
ATOM 261 H HH11 . ARG A 1 13 ? 7.941   5.129   -10.611 1.00 0.00 ?  13 ARG A HH11 1 
ATOM 262 H HH12 . ARG A 1 13 ? 9.044   6.044   -11.583 1.00 0.00 ?  13 ARG A HH12 1 
ATOM 263 H HH21 . ARG A 1 13 ? 7.123   8.931   -11.513 1.00 0.00 ?  13 ARG A HH21 1 
ATOM 264 H HH22 . ARG A 1 13 ? 8.581   8.197   -12.094 1.00 0.00 ?  13 ARG A HH22 1 
ATOM 265 N N    . LEU A 1 14 ? 2.552   3.030   -5.773  1.00 0.00 ?  14 LEU A N    1 
ATOM 266 C CA   . LEU A 1 14 ? 2.093   1.743   -5.260  1.00 0.00 ?  14 LEU A CA   1 
ATOM 267 C C    . LEU A 1 14 ? 0.616   1.556   -5.510  1.00 0.00 ?  14 LEU A C    1 
ATOM 268 O O    . LEU A 1 14 ? 0.160   0.429   -5.749  1.00 0.00 ?  14 LEU A O    1 
ATOM 269 C CB   . LEU A 1 14 ? 2.420   1.612   -3.745  1.00 0.00 ?  14 LEU A CB   1 
ATOM 270 C CG   . LEU A 1 14 ? 3.911   1.496   -3.327  1.00 0.00 ?  14 LEU A CG   1 
ATOM 271 C CD1  . LEU A 1 14 ? 4.034   1.521   -1.796  1.00 0.00 ?  14 LEU A CD1  1 
ATOM 272 C CD2  . LEU A 1 14 ? 4.587   0.231   -3.880  1.00 0.00 ?  14 LEU A CD2  1 
ATOM 273 H H    . LEU A 1 14 ? 3.096   3.619   -5.177  1.00 0.00 ?  14 LEU A H    1 
ATOM 274 H HA   . LEU A 1 14 ? 2.606   0.941   -5.820  1.00 0.00 ?  14 LEU A HA   1 
ATOM 275 H HB2  . LEU A 1 14 ? 1.979   2.476   -3.210  1.00 0.00 ?  14 LEU A HB2  1 
ATOM 276 H HB3  . LEU A 1 14 ? 1.878   0.732   -3.344  1.00 0.00 ?  14 LEU A HB3  1 
ATOM 277 H HG   . LEU A 1 14 ? 4.451   2.381   -3.726  1.00 0.00 ?  14 LEU A HG   1 
ATOM 278 H HD11 . LEU A 1 14 ? 3.594   2.439   -1.364  1.00 0.00 ?  14 LEU A HD11 1 
ATOM 279 H HD12 . LEU A 1 14 ? 3.525   0.661   -1.322  1.00 0.00 ?  14 LEU A HD12 1 
ATOM 280 H HD13 . LEU A 1 14 ? 5.090   1.495   -1.472  1.00 0.00 ?  14 LEU A HD13 1 
ATOM 281 H HD21 . LEU A 1 14 ? 5.635   0.138   -3.539  1.00 0.00 ?  14 LEU A HD21 1 
ATOM 282 H HD22 . LEU A 1 14 ? 4.055   -0.691  -3.585  1.00 0.00 ?  14 LEU A HD22 1 
ATOM 283 H HD23 . LEU A 1 14 ? 4.627   0.248   -4.986  1.00 0.00 ?  14 LEU A HD23 1 
ATOM 284 N N    . ILE A 1 15 ? -0.169  2.616   -5.381  1.00 0.00 ?  15 ILE A N    1 
ATOM 285 C CA   . ILE A 1 15 ? -1.609  2.494   -5.578  1.00 0.00 ?  15 ILE A CA   1 
ATOM 286 C C    . ILE A 1 15 ? -1.903  1.960   -6.978  1.00 0.00 ?  15 ILE A C    1 
ATOM 287 O O    . ILE A 1 15 ? -2.784  1.120   -7.163  1.00 0.00 ?  15 ILE A O    1 
ATOM 288 C CB   . ILE A 1 15 ? -2.285  3.858   -5.386  1.00 0.00 ?  15 ILE A CB   1 
ATOM 289 C CG1  . ILE A 1 15 ? -3.806  3.675   -5.321  1.00 0.00 ?  15 ILE A CG1  1 
ATOM 290 C CG2  . ILE A 1 15 ? -1.933  4.783   -6.558  1.00 0.00 ?  15 ILE A CG2  1 
ATOM 291 C CD1  . ILE A 1 15 ? -4.457  4.982   -4.861  1.00 0.00 ?  15 ILE A CD1  1 
ATOM 292 H H    . ILE A 1 15 ? 0.226   3.488   -5.171  1.00 0.00 ?  15 ILE A H    1 
ATOM 293 H HA   . ILE A 1 15 ? -2.002  1.801   -4.848  1.00 0.00 ?  15 ILE A HA   1 
ATOM 294 H HB   . ILE A 1 15 ? -1.936  4.303   -4.465  1.00 0.00 ?  15 ILE A HB   1 
ATOM 295 H HG12 . ILE A 1 15 ? -4.178  3.412   -6.300  1.00 0.00 ?  15 ILE A HG12 1 
ATOM 296 H HG13 . ILE A 1 15 ? -4.046  2.891   -4.620  1.00 0.00 ?  15 ILE A HG13 1 
ATOM 297 H HG21 . ILE A 1 15 ? -0.884  4.684   -6.792  1.00 0.00 ?  15 ILE A HG21 1 
ATOM 298 H HG22 . ILE A 1 15 ? -2.148  5.805   -6.287  1.00 0.00 ?  15 ILE A HG22 1 
ATOM 299 H HG23 . ILE A 1 15 ? -2.521  4.509   -7.423  1.00 0.00 ?  15 ILE A HG23 1 
ATOM 300 H HD11 . ILE A 1 15 ? -5.532  4.877   -4.886  1.00 0.00 ?  15 ILE A HD11 1 
ATOM 301 H HD12 . ILE A 1 15 ? -4.158  5.784   -5.519  1.00 0.00 ?  15 ILE A HD12 1 
ATOM 302 H HD13 . ILE A 1 15 ? -4.141  5.207   -3.853  1.00 0.00 ?  15 ILE A HD13 1 
ATOM 303 N N    . ASP A 1 16 ? -1.151  2.452   -7.958  1.00 0.00 ?  16 ASP A N    1 
ATOM 304 C CA   . ASP A 1 16 ? -1.322  2.021   -9.342  1.00 0.00 ?  16 ASP A CA   1 
ATOM 305 C C    . ASP A 1 16 ? -0.936  0.551   -9.512  1.00 0.00 ?  16 ASP A C    1 
ATOM 306 O O    . ASP A 1 16 ? -1.610  -0.202  -10.212 1.00 0.00 ?  16 ASP A O    1 
ATOM 307 C CB   . ASP A 1 16 ? -0.460  2.884   -10.265 1.00 0.00 ?  16 ASP A CB   1 
ATOM 308 C CG   . ASP A 1 16 ? -0.732  2.521   -11.721 1.00 0.00 ?  16 ASP A CG   1 
ATOM 309 O OD1  . ASP A 1 16 ? -1.422  1.540   -11.947 1.00 0.00 -1 16 ASP A OD1  1 
ATOM 310 O OD2  . ASP A 1 16 ? -0.247  3.229   -12.588 1.00 0.00 ?  16 ASP A OD2  1 
ATOM 311 H H    . ASP A 1 16 ? -0.461  3.115   -7.744  1.00 0.00 ?  16 ASP A H    1 
ATOM 312 H HA   . ASP A 1 16 ? -2.356  2.145   -9.621  1.00 0.00 ?  16 ASP A HA   1 
ATOM 313 H HB2  . ASP A 1 16 ? -0.696  3.926   -10.104 1.00 0.00 ?  16 ASP A HB2  1 
ATOM 314 H HB3  . ASP A 1 16 ? 0.584   2.714   -10.043 1.00 0.00 ?  16 ASP A HB3  1 
ATOM 315 N N    . ARG A 1 17 ? 0.155   0.157   -8.864  1.00 0.00 ?  17 ARG A N    1 
ATOM 316 C CA   . ARG A 1 17 ? 0.638   -1.216  -8.934  1.00 0.00 ?  17 ARG A CA   1 
ATOM 317 C C    . ARG A 1 17 ? -0.333  -2.174  -8.245  1.00 0.00 ?  17 ARG A C    1 
ATOM 318 O O    . ARG A 1 17 ? -0.538  -3.304  -8.689  1.00 0.00 ?  17 ARG A O    1 
ATOM 319 C CB   . ARG A 1 17 ? 2.012   -1.299  -8.270  1.00 0.00 ?  17 ARG A CB   1 
ATOM 320 C CG   . ARG A 1 17 ? 2.577   -2.704  -8.443  1.00 0.00 ?  17 ARG A CG   1 
ATOM 321 C CD   . ARG A 1 17 ? 3.986   -2.766  -7.848  1.00 0.00 ?  17 ARG A CD   1 
ATOM 322 N NE   . ARG A 1 17 ? 4.555   -4.096  -8.032  1.00 0.00 ?  17 ARG A NE   1 
ATOM 323 C CZ   . ARG A 1 17 ? 4.279   -5.087  -7.190  1.00 0.00 ?  17 ARG A CZ   1 
ATOM 324 N NH1  . ARG A 1 17 ? 3.484   -4.879  -6.177  1.00 0.00 ?  17 ARG A NH1  1 
ATOM 325 N NH2  . ARG A 1 17 ? 4.803   -6.268  -7.378  1.00 0.00 1  17 ARG A NH2  1 
ATOM 326 H H    . ARG A 1 17 ? 0.640   0.799   -8.308  1.00 0.00 ?  17 ARG A H    1 
ATOM 327 H HA   . ARG A 1 17 ? 0.736   -1.500  -9.971  1.00 0.00 ?  17 ARG A HA   1 
ATOM 328 H HB2  . ARG A 1 17 ? 2.679   -0.583  -8.731  1.00 0.00 ?  17 ARG A HB2  1 
ATOM 329 H HB3  . ARG A 1 17 ? 1.917   -1.077  -7.218  1.00 0.00 ?  17 ARG A HB3  1 
ATOM 330 H HG2  . ARG A 1 17 ? 1.938   -3.410  -7.935  1.00 0.00 ?  17 ARG A HG2  1 
ATOM 331 H HG3  . ARG A 1 17 ? 2.619   -2.945  -9.493  1.00 0.00 ?  17 ARG A HG3  1 
ATOM 332 H HD2  . ARG A 1 17 ? 4.613   -2.039  -8.341  1.00 0.00 ?  17 ARG A HD2  1 
ATOM 333 H HD3  . ARG A 1 17 ? 3.938   -2.536  -6.792  1.00 0.00 ?  17 ARG A HD3  1 
ATOM 334 H HE   . ARG A 1 17 ? 5.153   -4.262  -8.791  1.00 0.00 ?  17 ARG A HE   1 
ATOM 335 H HH11 . ARG A 1 17 ? 3.083   -3.975  -6.033  1.00 0.00 ?  17 ARG A HH11 1 
ATOM 336 H HH12 . ARG A 1 17 ? 3.276   -5.625  -5.544  1.00 0.00 ?  17 ARG A HH12 1 
ATOM 337 H HH21 . ARG A 1 17 ? 5.412   -6.427  -8.155  1.00 0.00 ?  17 ARG A HH21 1 
ATOM 338 H HH22 . ARG A 1 17 ? 4.595   -7.013  -6.745  1.00 0.00 ?  17 ARG A HH22 1 
ATOM 339 N N    . LEU A 1 18 ? -0.901  -1.707  -7.142  1.00 0.00 ?  18 LEU A N    1 
ATOM 340 C CA   . LEU A 1 18 ? -1.831  -2.514  -6.357  1.00 0.00 ?  18 LEU A CA   1 
ATOM 341 C C    . LEU A 1 18 ? -3.060  -2.918  -7.174  1.00 0.00 ?  18 LEU A C    1 
ATOM 342 O O    . LEU A 1 18 ? -3.500  -4.067  -7.114  1.00 0.00 ?  18 LEU A O    1 
ATOM 343 C CB   . LEU A 1 18 ? -2.265  -1.730  -5.110  1.00 0.00 ?  18 LEU A CB   1 
ATOM 344 C CG   . LEU A 1 18 ? -3.266  -2.546  -4.275  1.00 0.00 ?  18 LEU A CG   1 
ATOM 345 C CD1  . LEU A 1 18 ? -2.631  -3.876  -3.835  1.00 0.00 ?  18 LEU A CD1  1 
ATOM 346 C CD2  . LEU A 1 18 ? -3.654  -1.732  -3.037  1.00 0.00 ?  18 LEU A CD2  1 
ATOM 347 H H    . LEU A 1 18 ? -0.672  -0.797  -6.858  1.00 0.00 ?  18 LEU A H    1 
ATOM 348 H HA   . LEU A 1 18 ? -1.318  -3.408  -6.039  1.00 0.00 ?  18 LEU A HA   1 
ATOM 349 H HB2  . LEU A 1 18 ? -1.395  -1.511  -4.508  1.00 0.00 ?  18 LEU A HB2  1 
ATOM 350 H HB3  . LEU A 1 18 ? -2.729  -0.805  -5.416  1.00 0.00 ?  18 LEU A HB3  1 
ATOM 351 H HG   . LEU A 1 18 ? -4.151  -2.748  -4.860  1.00 0.00 ?  18 LEU A HG   1 
ATOM 352 H HD11 . LEU A 1 18 ? -3.139  -4.251  -2.957  1.00 0.00 ?  18 LEU A HD11 1 
ATOM 353 H HD12 . LEU A 1 18 ? -1.586  -3.724  -3.607  1.00 0.00 ?  18 LEU A HD12 1 
ATOM 354 H HD13 . LEU A 1 18 ? -2.722  -4.599  -4.633  1.00 0.00 ?  18 LEU A HD13 1 
ATOM 355 H HD21 . LEU A 1 18 ? -4.303  -0.919  -3.330  1.00 0.00 ?  18 LEU A HD21 1 
ATOM 356 H HD22 . LEU A 1 18 ? -2.763  -1.333  -2.575  1.00 0.00 ?  18 LEU A HD22 1 
ATOM 357 H HD23 . LEU A 1 18 ? -4.170  -2.370  -2.334  1.00 0.00 ?  18 LEU A HD23 1 
ATOM 358 N N    . ILE A 1 19 ? -3.625  -1.972  -7.914  1.00 0.00 ?  19 ILE A N    1 
ATOM 359 C CA   . ILE A 1 19 ? -4.820  -2.249  -8.710  1.00 0.00 ?  19 ILE A CA   1 
ATOM 360 C C    . ILE A 1 19 ? -4.520  -3.119  -9.935  1.00 0.00 ?  19 ILE A C    1 
ATOM 361 O O    . ILE A 1 19 ? -5.348  -3.939  -10.332 1.00 0.00 ?  19 ILE A O    1 
ATOM 362 C CB   . ILE A 1 19 ? -5.448  -0.931  -9.158  1.00 0.00 ?  19 ILE A CB   1 
ATOM 363 C CG1  . ILE A 1 19 ? -4.399  -0.088  -9.882  1.00 0.00 ?  19 ILE A CG1  1 
ATOM 364 C CG2  . ILE A 1 19 ? -5.961  -0.167  -7.935  1.00 0.00 ?  19 ILE A CG2  1 
ATOM 365 C CD1  . ILE A 1 19 ? -5.070  1.111   -10.542 1.00 0.00 ?  19 ILE A CD1  1 
ATOM 366 H H    . ILE A 1 19 ? -3.245  -1.069  -7.912  1.00 0.00 ?  19 ILE A H    1 
ATOM 367 H HA   . ILE A 1 19 ? -5.532  -2.769  -8.088  1.00 0.00 ?  19 ILE A HA   1 
ATOM 368 H HB   . ILE A 1 19 ? -6.272  -1.135  -9.826  1.00 0.00 ?  19 ILE A HB   1 
ATOM 369 H HG12 . ILE A 1 19 ? -3.664  0.256   -9.170  1.00 0.00 ?  19 ILE A HG12 1 
ATOM 370 H HG13 . ILE A 1 19 ? -3.915  -0.681  -10.638 1.00 0.00 ?  19 ILE A HG13 1 
ATOM 371 H HG21 . ILE A 1 19 ? -5.154  -0.035  -7.229  1.00 0.00 ?  19 ILE A HG21 1 
ATOM 372 H HG22 . ILE A 1 19 ? -6.759  -0.727  -7.470  1.00 0.00 ?  19 ILE A HG22 1 
ATOM 373 H HG23 . ILE A 1 19 ? -6.332  0.799   -8.244  1.00 0.00 ?  19 ILE A HG23 1 
ATOM 374 H HD11 . ILE A 1 19 ? -4.313  1.784   -10.915 1.00 0.00 ?  19 ILE A HD11 1 
ATOM 375 H HD12 . ILE A 1 19 ? -5.686  1.624   -9.818  1.00 0.00 ?  19 ILE A HD12 1 
ATOM 376 H HD13 . ILE A 1 19 ? -5.684  0.770   -11.361 1.00 0.00 ?  19 ILE A HD13 1 
ATOM 377 N N    . GLU A 1 20 ? -3.349  -2.940  -10.534 1.00 0.00 ?  20 GLU A N    1 
ATOM 378 C CA   . GLU A 1 20 ? -2.990  -3.727  -11.714 1.00 0.00 ?  20 GLU A CA   1 
ATOM 379 C C    . GLU A 1 20 ? -2.911  -5.212  -11.374 1.00 0.00 ?  20 GLU A C    1 
ATOM 380 O O    . GLU A 1 20 ? -3.347  -6.057  -12.151 1.00 0.00 ?  20 GLU A O    1 
ATOM 381 C CB   . GLU A 1 20 ? -1.645  -3.263  -12.279 1.00 0.00 ?  20 GLU A CB   1 
ATOM 382 C CG   . GLU A 1 20 ? -1.795  -1.876  -12.908 1.00 0.00 ?  20 GLU A CG   1 
ATOM 383 C CD   . GLU A 1 20 ? -2.626  -1.969  -14.184 1.00 0.00 ?  20 GLU A CD   1 
ATOM 384 O OE1  . GLU A 1 20 ? -2.784  -3.070  -14.686 1.00 0.00 -1 20 GLU A OE1  1 
ATOM 385 O OE2  . GLU A 1 20 ? -3.093  -0.938  -14.640 1.00 0.00 ?  20 GLU A OE2  1 
ATOM 386 H H    . GLU A 1 20 ? -2.728  -2.271  -10.176 1.00 0.00 ?  20 GLU A H    1 
ATOM 387 H HA   . GLU A 1 20 ? -3.750  -3.584  -12.468 1.00 0.00 ?  20 GLU A HA   1 
ATOM 388 H HB2  . GLU A 1 20 ? -0.917  -3.219  -11.481 1.00 0.00 ?  20 GLU A HB2  1 
ATOM 389 H HB3  . GLU A 1 20 ? -1.311  -3.962  -13.030 1.00 0.00 ?  20 GLU A HB3  1 
ATOM 390 H HG2  . GLU A 1 20 ? -2.286  -1.217  -12.210 1.00 0.00 ?  20 GLU A HG2  1 
ATOM 391 H HG3  . GLU A 1 20 ? -0.819  -1.483  -13.147 1.00 0.00 ?  20 GLU A HG3  1 
ATOM 392 N N    . ARG A 1 21 ? -2.302  -5.517  -10.237 1.00 0.00 ?  21 ARG A N    1 
ATOM 393 C CA   . ARG A 1 21 ? -2.109  -6.903  -9.828  1.00 0.00 ?  21 ARG A CA   1 
ATOM 394 C C    . ARG A 1 21 ? -3.413  -7.698  -9.869  1.00 0.00 ?  21 ARG A C    1 
ATOM 395 O O    . ARG A 1 21 ? -3.410  -8.869  -10.247 1.00 0.00 ?  21 ARG A O    1 
ATOM 396 C CB   . ARG A 1 21 ? -1.509  -6.953  -8.419  1.00 0.00 ?  21 ARG A CB   1 
ATOM 397 C CG   . ARG A 1 21 ? -1.368  -8.407  -7.926  1.00 0.00 ?  21 ARG A CG   1 
ATOM 398 C CD   . ARG A 1 21 ? -0.394  -9.194  -8.807  1.00 0.00 ?  21 ARG A CD   1 
ATOM 399 N NE   . ARG A 1 21 ? -0.072  -10.470 -8.179  1.00 0.00 ?  21 ARG A NE   1 
ATOM 400 C CZ   . ARG A 1 21 ? 0.854   -10.554 -7.229  1.00 0.00 ?  21 ARG A CZ   1 
ATOM 401 N NH1  . ARG A 1 21 ? 1.480   -9.481  -6.832  1.00 0.00 ?  21 ARG A NH1  1 
ATOM 402 N NH2  . ARG A 1 21 ? 1.134   -11.710 -6.691  1.00 0.00 1  21 ARG A NH2  1 
ATOM 403 H H    . ARG A 1 21 ? -1.908  -4.792  -9.709  1.00 0.00 ?  21 ARG A H    1 
ATOM 404 H HA   . ARG A 1 21 ? -1.411  -7.353  -10.512 1.00 0.00 ?  21 ARG A HA   1 
ATOM 405 H HB2  . ARG A 1 21 ? -0.534  -6.488  -8.433  1.00 0.00 ?  21 ARG A HB2  1 
ATOM 406 H HB3  . ARG A 1 21 ? -2.150  -6.410  -7.742  1.00 0.00 ?  21 ARG A HB3  1 
ATOM 407 H HG2  . ARG A 1 21 ? -1.003  -8.400  -6.913  1.00 0.00 ?  21 ARG A HG2  1 
ATOM 408 H HG3  . ARG A 1 21 ? -2.330  -8.889  -7.950  1.00 0.00 ?  21 ARG A HG3  1 
ATOM 409 H HD2  . ARG A 1 21 ? -0.853  -9.392  -9.761  1.00 0.00 ?  21 ARG A HD2  1 
ATOM 410 H HD3  . ARG A 1 21 ? 0.510   -8.622  -8.952  1.00 0.00 ?  21 ARG A HD3  1 
ATOM 411 H HE   . ARG A 1 21 ? -0.543  -11.281 -8.465  1.00 0.00 ?  21 ARG A HE   1 
ATOM 412 H HH11 . ARG A 1 21 ? 1.263   -8.595  -7.242  1.00 0.00 ?  21 ARG A HH11 1 
ATOM 413 H HH12 . ARG A 1 21 ? 2.176   -9.544  -6.117  1.00 0.00 ?  21 ARG A HH12 1 
ATOM 414 H HH21 . ARG A 1 21 ? 0.651   -12.532 -6.994  1.00 0.00 ?  21 ARG A HH21 1 
ATOM 415 H HH22 . ARG A 1 21 ? 1.830   -11.774 -5.977  1.00 0.00 ?  21 ARG A HH22 1 
ATOM 416 N N    . ALA A 1 22 ? -4.525  -7.072  -9.510  1.00 0.00 ?  22 ALA A N    1 
ATOM 417 C CA   . ALA A 1 22 ? -5.797  -7.785  -9.560  1.00 0.00 ?  22 ALA A CA   1 
ATOM 418 C C    . ALA A 1 22 ? -6.083  -8.182  -10.996 1.00 0.00 ?  22 ALA A C    1 
ATOM 419 O O    . ALA A 1 22 ? -6.433  -9.325  -11.289 1.00 0.00 ?  22 ALA A O    1 
ATOM 420 C CB   . ALA A 1 22 ? -6.929  -6.903  -9.054  1.00 0.00 ?  22 ALA A CB   1 
ATOM 421 H H    . ALA A 1 22 ? -4.487  -6.124  -9.265  1.00 0.00 ?  22 ALA A H    1 
ATOM 422 H HA   . ALA A 1 22 ? -5.734  -8.673  -8.949  1.00 0.00 ?  22 ALA A HA   1 
ATOM 423 H HB1  . ALA A 1 22 ? -6.713  -6.579  -8.049  1.00 0.00 ?  22 ALA A HB1  1 
ATOM 424 H HB2  . ALA A 1 22 ? -7.848  -7.469  -9.065  1.00 0.00 ?  22 ALA A HB2  1 
ATOM 425 H HB3  . ALA A 1 22 ? -7.026  -6.045  -9.700  1.00 0.00 ?  22 ALA A HB3  1 
ATOM 426 N N    . GLU A 1 23 ? -5.889  -7.222  -11.889 1.00 0.00 ?  23 GLU A N    1 
ATOM 427 C CA   . GLU A 1 23 ? -6.083  -7.454  -13.310 1.00 0.00 ?  23 GLU A CA   1 
ATOM 428 C C    . GLU A 1 23 ? -5.021  -8.415  -13.807 1.00 0.00 ?  23 GLU A C    1 
ATOM 429 O O    . GLU A 1 23 ? -5.285  -9.274  -14.648 1.00 0.00 ?  23 GLU A O    1 
ATOM 430 C CB   . GLU A 1 23 ? -6.002  -6.138  -14.090 1.00 0.00 ?  23 GLU A CB   1 
ATOM 431 C CG   . GLU A 1 23 ? -7.244  -5.285  -13.808 1.00 0.00 ?  23 GLU A CG   1 
ATOM 432 C CD   . GLU A 1 23 ? -7.071  -3.898  -14.416 1.00 0.00 ?  23 GLU A CD   1 
ATOM 433 O OE1  . GLU A 1 23 ? -5.955  -3.567  -14.779 1.00 0.00 -1 23 GLU A OE1  1 
ATOM 434 O OE2  . GLU A 1 23 ? -8.058  -3.187  -14.511 1.00 0.00 ?  23 GLU A OE2  1 
ATOM 435 H H    . GLU A 1 23 ? -5.585  -6.346  -11.580 1.00 0.00 ?  23 GLU A H    1 
ATOM 436 H HA   . GLU A 1 23 ? -7.054  -7.898  -13.465 1.00 0.00 ?  23 GLU A HA   1 
ATOM 437 H HB2  . GLU A 1 23 ? -5.118  -5.596  -13.786 1.00 0.00 ?  23 GLU A HB2  1 
ATOM 438 H HB3  . GLU A 1 23 ? -5.947  -6.351  -15.147 1.00 0.00 ?  23 GLU A HB3  1 
ATOM 439 H HG2  . GLU A 1 23 ? -8.110  -5.761  -14.244 1.00 0.00 ?  23 GLU A HG2  1 
ATOM 440 H HG3  . GLU A 1 23 ? -7.387  -5.191  -12.743 1.00 0.00 ?  23 GLU A HG3  1 
ATOM 441 N N    . ASP A 1 24 ? -3.810  -8.265  -13.271 1.00 0.00 ?  24 ASP A N    1 
ATOM 442 C CA   . ASP A 1 24 ? -2.699  -9.133  -13.661 1.00 0.00 ?  24 ASP A CA   1 
ATOM 443 C C    . ASP A 1 24 ? -2.557  -10.286 -12.673 1.00 0.00 ?  24 ASP A C    1 
ATOM 444 O O    . ASP A 1 24 ? -1.829  -10.181 -11.692 1.00 0.00 ?  24 ASP A O    1 
ATOM 445 C CB   . ASP A 1 24 ? -1.396  -8.331  -13.701 1.00 0.00 ?  24 ASP A CB   1 
ATOM 446 C CG   . ASP A 1 24 ? -1.392  -7.397  -14.906 1.00 0.00 ?  24 ASP A CG   1 
ATOM 447 O OD1  . ASP A 1 24 ? -2.242  -7.566  -15.765 1.00 0.00 ?  24 ASP A OD1  1 
ATOM 448 O OD2  . ASP A 1 24 ? -0.539  -6.526  -14.954 1.00 0.00 -1 24 ASP A OD2  1 
ATOM 449 H H    . ASP A 1 24 ? -3.665  -7.557  -12.590 1.00 0.00 ?  24 ASP A H    1 
ATOM 450 H HA   . ASP A 1 24 ? -2.884  -9.537  -14.648 1.00 0.00 ?  24 ASP A HA   1 
ATOM 451 H HB2  . ASP A 1 24 ? -1.308  -7.748  -12.798 1.00 0.00 ?  24 ASP A HB2  1 
ATOM 452 H HB3  . ASP A 1 24 ? -0.559  -9.009  -13.773 1.00 0.00 ?  24 ASP A HB3  1 
ATOM 453 N N    . SER A 1 25 ? -3.246  -11.390 -12.941 1.00 0.00 ?  25 SER A N    1 
ATOM 454 C CA   . SER A 1 25 ? -3.180  -12.557 -12.073 1.00 0.00 ?  25 SER A CA   1 
ATOM 455 C C    . SER A 1 25 ? -4.034  -13.667 -12.670 1.00 0.00 ?  25 SER A C    1 
ATOM 456 O O    . SER A 1 25 ? -3.642  -14.834 -12.694 1.00 0.00 ?  25 SER A O    1 
ATOM 457 C CB   . SER A 1 25 ? -3.689  -12.208 -10.674 1.00 0.00 ?  25 SER A CB   1 
ATOM 458 O OG   . SER A 1 25 ? -3.910  -13.405 -9.942  1.00 0.00 ?  25 SER A OG   1 
ATOM 459 H H    . SER A 1 25 ? -3.805  -11.442 -13.743 1.00 0.00 ?  25 SER A H    1 
ATOM 460 H HA   . SER A 1 25 ? -2.157  -12.893 -12.005 1.00 0.00 ?  25 SER A HA   1 
ATOM 461 H HB2  . SER A 1 25 ? -2.954  -11.609 -10.161 1.00 0.00 ?  25 SER A HB2  1 
ATOM 462 H HB3  . SER A 1 25 ? -4.611  -11.648 -10.757 1.00 0.00 ?  25 SER A HB3  1 
ATOM 463 H HG   . SER A 1 25 ? -3.113  -13.603 -9.447  1.00 0.00 ?  25 SER A HG   1 
ATOM 464 N N    . GLY A 1 26 ? -5.210  -13.275 -13.152 1.00 0.00 ?  26 GLY A N    1 
ATOM 465 C CA   . GLY A 1 26 ? -6.158  -14.211 -13.765 1.00 0.00 ?  26 GLY A CA   1 
ATOM 466 C C    . GLY A 1 26 ? -7.375  -14.394 -12.869 1.00 0.00 ?  26 GLY A C    1 
ATOM 467 O O    . GLY A 1 26 ? -8.498  -14.063 -13.251 1.00 0.00 ?  26 GLY A O    1 
ATOM 468 H H    . GLY A 1 26 ? -5.450  -12.326 -13.088 1.00 0.00 ?  26 GLY A H    1 
ATOM 469 H HA2  . GLY A 1 26 ? -6.476  -13.818 -14.721 1.00 0.00 ?  26 GLY A HA2  1 
ATOM 470 H HA3  . GLY A 1 26 ? -5.684  -15.170 -13.916 1.00 0.00 ?  26 GLY A HA3  1 
ATOM 471 N N    . ASN A 1 27 ? -7.137  -14.907 -11.668 1.00 0.00 ?  27 ASN A N    1 
ATOM 472 C CA   . ASN A 1 27 ? -8.202  -15.123 -10.692 1.00 0.00 ?  27 ASN A CA   1 
ATOM 473 C C    . ASN A 1 27 ? -8.162  -14.019 -9.643  1.00 0.00 ?  27 ASN A C    1 
ATOM 474 O O    . ASN A 1 27 ? -8.646  -14.193 -8.525  1.00 0.00 ?  27 ASN A O    1 
ATOM 475 C CB   . ASN A 1 27 ? -8.024  -16.488 -10.018 1.00 0.00 ?  27 ASN A CB   1 
ATOM 476 C CG   . ASN A 1 27 ? -6.734  -16.510 -9.202  1.00 0.00 ?  27 ASN A CG   1 
ATOM 477 O OD1  . ASN A 1 27 ? -6.093  -15.475 -9.017  1.00 0.00 ?  27 ASN A OD1  1 
ATOM 478 N ND2  . ASN A 1 27 ? -6.310  -17.638 -8.700  1.00 0.00 ?  27 ASN A ND2  1 
ATOM 479 H H    . ASN A 1 27 ? -6.216  -15.137 -11.424 1.00 0.00 ?  27 ASN A H    1 
ATOM 480 H HA   . ASN A 1 27 ? -9.164  -15.102 -11.190 1.00 0.00 ?  27 ASN A HA   1 
ATOM 481 H HB2  . ASN A 1 27 ? -8.863  -16.677 -9.366  1.00 0.00 ?  27 ASN A HB2  1 
ATOM 482 H HB3  . ASN A 1 27 ? -7.981  -17.257 -10.776 1.00 0.00 ?  27 ASN A HB3  1 
ATOM 483 H HD21 . ASN A 1 27 ? -6.822  -18.462 -8.847  1.00 0.00 ?  27 ASN A HD21 1 
ATOM 484 H HD22 . ASN A 1 27 ? -5.484  -17.662 -8.175  1.00 0.00 ?  27 ASN A HD22 1 
ATOM 485 N N    . GLU A 1 28 ? -7.554  -12.893 -10.016 1.00 0.00 ?  28 GLU A N    1 
ATOM 486 C CA   . GLU A 1 28 ? -7.414  -11.755 -9.113  1.00 0.00 ?  28 GLU A CA   1 
ATOM 487 C C    . GLU A 1 28 ? -6.622  -12.162 -7.877  1.00 0.00 ?  28 GLU A C    1 
ATOM 488 O O    . GLU A 1 28 ? -5.470  -11.770 -7.725  1.00 0.00 ?  28 GLU A O    1 
ATOM 489 C CB   . GLU A 1 28 ? -8.787  -11.200 -8.713  1.00 0.00 ?  28 GLU A CB   1 
ATOM 490 C CG   . GLU A 1 28 ? -9.394  -10.446 -9.899  1.00 0.00 ?  28 GLU A CG   1 
ATOM 491 C CD   . GLU A 1 28 ? -10.841 -10.075 -9.596  1.00 0.00 ?  28 GLU A CD   1 
ATOM 492 O OE1  . GLU A 1 28 ? -11.390 -10.629 -8.658  1.00 0.00 -1 28 GLU A OE1  1 
ATOM 493 O OE2  . GLU A 1 28 ? -11.381 -9.243  -10.307 1.00 0.00 ?  28 GLU A OE2  1 
ATOM 494 H H    . GLU A 1 28 ? -7.176  -12.828 -10.918 1.00 0.00 ?  28 GLU A H    1 
ATOM 495 H HA   . GLU A 1 28 ? -6.865  -10.978 -9.625  1.00 0.00 ?  28 GLU A HA   1 
ATOM 496 H HB2  . GLU A 1 28 ? -9.439  -12.012 -8.429  1.00 0.00 ?  28 GLU A HB2  1 
ATOM 497 H HB3  . GLU A 1 28 ? -8.672  -10.524 -7.880  1.00 0.00 ?  28 GLU A HB3  1 
ATOM 498 H HG2  . GLU A 1 28 ? -8.822  -9.544  -10.082 1.00 0.00 ?  28 GLU A HG2  1 
ATOM 499 H HG3  . GLU A 1 28 ? -9.362  -11.073 -10.777 1.00 0.00 ?  28 GLU A HG3  1 
ATOM 500 N N    . SER A 1 29 ? -7.234  -12.967 -7.010  1.00 0.00 ?  29 SER A N    1 
ATOM 501 C CA   . SER A 1 29 ? -6.567  -13.441 -5.797  1.00 0.00 ?  29 SER A CA   1 
ATOM 502 C C    . SER A 1 29 ? -6.669  -12.399 -4.669  1.00 0.00 ?  29 SER A C    1 
ATOM 503 O O    . SER A 1 29 ? -5.661  -11.923 -4.145  1.00 0.00 ?  29 SER A O    1 
ATOM 504 C CB   . SER A 1 29 ? -5.097  -13.772 -6.095  1.00 0.00 ?  29 SER A CB   1 
ATOM 505 O OG   . SER A 1 29 ? -4.288  -12.624 -5.879  1.00 0.00 ?  29 SER A OG   1 
ATOM 506 H H    . SER A 1 29 ? -8.151  -13.264 -7.191  1.00 0.00 ?  29 SER A H    1 
ATOM 507 H HA   . SER A 1 29 ? -7.059  -14.350 -5.487  1.00 0.00 ?  29 SER A HA   1 
ATOM 508 H HB2  . SER A 1 29 ? -4.764  -14.567 -5.450  1.00 0.00 ?  29 SER A HB2  1 
ATOM 509 H HB3  . SER A 1 29 ? -5.012  -14.094 -7.124  1.00 0.00 ?  29 SER A HB3  1 
ATOM 510 H HG   . SER A 1 29 ? -4.176  -12.177 -6.722  1.00 0.00 ?  29 SER A HG   1 
ATOM 511 N N    . GLU A 1 30 ? -7.903  -12.042 -4.318  1.00 0.00 ?  30 GLU A N    1 
ATOM 512 C CA   . GLU A 1 30 ? -8.144  -11.044 -3.273  1.00 0.00 ?  30 GLU A CA   1 
ATOM 513 C C    . GLU A 1 30 ? -7.556  -11.518 -1.958  1.00 0.00 ?  30 GLU A C    1 
ATOM 514 O O    . GLU A 1 30 ? -6.886  -10.762 -1.253  1.00 0.00 ?  30 GLU A O    1 
ATOM 515 C CB   . GLU A 1 30 ? -9.646  -10.784 -3.103  1.00 0.00 ?  30 GLU A CB   1 
ATOM 516 C CG   . GLU A 1 30 ? -10.187 -9.987  -4.298  1.00 0.00 ?  30 GLU A CG   1 
ATOM 517 C CD   . GLU A 1 30 ? -11.708 -9.911  -4.223  1.00 0.00 ?  30 GLU A CD   1 
ATOM 518 O OE1  . GLU A 1 30 ? -12.281 -10.661 -3.448  1.00 0.00 -1 30 GLU A OE1  1 
ATOM 519 O OE2  . GLU A 1 30 ? -12.279 -9.106  -4.940  1.00 0.00 ?  30 GLU A OE2  1 
ATOM 520 H H    . GLU A 1 30 ? -8.642  -12.450 -4.786  1.00 0.00 ?  30 GLU A H    1 
ATOM 521 H HA   . GLU A 1 30 ? -7.662  -10.120 -3.556  1.00 0.00 ?  30 GLU A HA   1 
ATOM 522 H HB2  . GLU A 1 30 ? -10.167 -11.728 -3.038  1.00 0.00 ?  30 GLU A HB2  1 
ATOM 523 H HB3  . GLU A 1 30 ? -9.811  -10.222 -2.196  1.00 0.00 ?  30 GLU A HB3  1 
ATOM 524 H HG2  . GLU A 1 30 ? -9.779  -8.987  -4.275  1.00 0.00 ?  30 GLU A HG2  1 
ATOM 525 H HG3  . GLU A 1 30 ? -9.900  -10.467 -5.221  1.00 0.00 ?  30 GLU A HG3  1 
ATOM 526 N N    . GLY A 1 31 ? -7.810  -12.775 -1.631  1.00 0.00 ?  31 GLY A N    1 
ATOM 527 C CA   . GLY A 1 31 ? -7.301  -13.344 -0.399  1.00 0.00 ?  31 GLY A CA   1 
ATOM 528 C C    . GLY A 1 31 ? -5.807  -13.067 -0.268  1.00 0.00 ?  31 GLY A C    1 
ATOM 529 O O    . GLY A 1 31 ? -5.305  -12.832 0.823   1.00 0.00 ?  31 GLY A O    1 
ATOM 530 H H    . GLY A 1 31 ? -8.376  -13.319 -2.207  1.00 0.00 ?  31 GLY A H    1 
ATOM 531 H HA2  . GLY A 1 31 ? -7.831  -12.914 0.438   1.00 0.00 ?  31 GLY A HA2  1 
ATOM 532 H HA3  . GLY A 1 31 ? -7.462  -14.411 -0.410  1.00 0.00 ?  31 GLY A HA3  1 
ATOM 533 N N    . GLU A 1 32 ? -5.086  -13.096 -1.384  1.00 0.00 ?  32 GLU A N    1 
ATOM 534 C CA   . GLU A 1 32 ? -3.650  -12.830 -1.351  1.00 0.00 ?  32 GLU A CA   1 
ATOM 535 C C    . GLU A 1 32 ? -3.361  -11.325 -1.428  1.00 0.00 ?  32 GLU A C    1 
ATOM 536 O O    . GLU A 1 32 ? -2.443  -10.824 -0.782  1.00 0.00 ?  32 GLU A O    1 
ATOM 537 C CB   . GLU A 1 32 ? -2.966  -13.542 -2.521  1.00 0.00 ?  32 GLU A CB   1 
ATOM 538 C CG   . GLU A 1 32 ? -3.007  -15.056 -2.294  1.00 0.00 ?  32 GLU A CG   1 
ATOM 539 C CD   . GLU A 1 32 ? -2.463  -15.781 -3.519  1.00 0.00 ?  32 GLU A CD   1 
ATOM 540 O OE1  . GLU A 1 32 ? -2.276  -15.131 -4.534  1.00 0.00 ?  32 GLU A OE1  1 
ATOM 541 O OE2  . GLU A 1 32 ? -2.240  -16.977 -3.425  1.00 0.00 -1 32 GLU A OE2  1 
ATOM 542 H H    . GLU A 1 32 ? -5.522  -13.292 -2.242  1.00 0.00 ?  32 GLU A H    1 
ATOM 543 H HA   . GLU A 1 32 ? -3.240  -13.215 -0.429  1.00 0.00 ?  32 GLU A HA   1 
ATOM 544 H HB2  . GLU A 1 32 ? -3.482  -13.301 -3.439  1.00 0.00 ?  32 GLU A HB2  1 
ATOM 545 H HB3  . GLU A 1 32 ? -1.939  -13.218 -2.589  1.00 0.00 ?  32 GLU A HB3  1 
ATOM 546 H HG2  . GLU A 1 32 ? -2.404  -15.305 -1.433  1.00 0.00 ?  32 GLU A HG2  1 
ATOM 547 H HG3  . GLU A 1 32 ? -4.026  -15.367 -2.119  1.00 0.00 ?  32 GLU A HG3  1 
ATOM 548 N N    . ILE A 1 33 ? -4.124  -10.631 -2.270  1.00 0.00 ?  33 ILE A N    1 
ATOM 549 C CA   . ILE A 1 33 ? -3.940  -9.201  -2.503  1.00 0.00 ?  33 ILE A CA   1 
ATOM 550 C C    . ILE A 1 33 ? -4.649  -8.307  -1.472  1.00 0.00 ?  33 ILE A C    1 
ATOM 551 O O    . ILE A 1 33 ? -4.003  -7.539  -0.761  1.00 0.00 ?  33 ILE A O    1 
ATOM 552 C CB   . ILE A 1 33 ? -4.504  -8.923  -3.898  1.00 0.00 ?  33 ILE A CB   1 
ATOM 553 C CG1  . ILE A 1 33 ? -3.599  -9.581  -4.949  1.00 0.00 ?  33 ILE A CG1  1 
ATOM 554 C CG2  . ILE A 1 33 ? -4.591  -7.421  -4.153  1.00 0.00 ?  33 ILE A CG2  1 
ATOM 555 C CD1  . ILE A 1 33 ? -4.339  -9.685  -6.285  1.00 0.00 ?  33 ILE A CD1  1 
ATOM 556 H H    . ILE A 1 33 ? -4.804  -11.096 -2.781  1.00 0.00 ?  33 ILE A H    1 
ATOM 557 H HA   . ILE A 1 33 ? -2.887  -8.973  -2.507  1.00 0.00 ?  33 ILE A HA   1 
ATOM 558 H HB   . ILE A 1 33 ? -5.494  -9.346  -3.962  1.00 0.00 ?  33 ILE A HB   1 
ATOM 559 H HG12 . ILE A 1 33 ? -2.709  -8.981  -5.081  1.00 0.00 ?  33 ILE A HG12 1 
ATOM 560 H HG13 . ILE A 1 33 ? -3.319  -10.570 -4.619  1.00 0.00 ?  33 ILE A HG13 1 
ATOM 561 H HG21 . ILE A 1 33 ? -5.431  -7.020  -3.606  1.00 0.00 ?  33 ILE A HG21 1 
ATOM 562 H HG22 . ILE A 1 33 ? -4.728  -7.243  -5.208  1.00 0.00 ?  33 ILE A HG22 1 
ATOM 563 H HG23 . ILE A 1 33 ? -3.682  -6.945  -3.820  1.00 0.00 ?  33 ILE A HG23 1 
ATOM 564 H HD11 . ILE A 1 33 ? -3.798  -10.351 -6.941  1.00 0.00 ?  33 ILE A HD11 1 
ATOM 565 H HD12 . ILE A 1 33 ? -4.408  -8.707  -6.739  1.00 0.00 ?  33 ILE A HD12 1 
ATOM 566 H HD13 . ILE A 1 33 ? -5.332  -10.077 -6.120  1.00 0.00 ?  33 ILE A HD13 1 
ATOM 567 N N    . SER A 1 34 ? -5.978  -8.381  -1.428  1.00 0.00 ?  34 SER A N    1 
ATOM 568 C CA   . SER A 1 34 ? -6.739  -7.531  -0.509  1.00 0.00 ?  34 SER A CA   1 
ATOM 569 C C    . SER A 1 34 ? -6.356  -7.820  0.935   1.00 0.00 ?  34 SER A C    1 
ATOM 570 O O    . SER A 1 34 ? -6.064  -6.913  1.713   1.00 0.00 ?  34 SER A O    1 
ATOM 571 C CB   . SER A 1 34 ? -8.238  -7.768  -0.697  1.00 0.00 ?  34 SER A CB   1 
ATOM 572 O OG   . SER A 1 34 ? -8.961  -6.948  0.211   1.00 0.00 ?  34 SER A OG   1 
ATOM 573 H H    . SER A 1 34 ? -6.437  -8.981  -2.052  1.00 0.00 ?  34 SER A H    1 
ATOM 574 H HA   . SER A 1 34 ? -6.521  -6.496  -0.726  1.00 0.00 ?  34 SER A HA   1 
ATOM 575 H HB2  . SER A 1 34 ? -8.520  -7.514  -1.706  1.00 0.00 ?  34 SER A HB2  1 
ATOM 576 H HB3  . SER A 1 34 ? -8.462  -8.810  -0.515  1.00 0.00 ?  34 SER A HB3  1 
ATOM 577 H HG   . SER A 1 34 ? -8.927  -6.045  -0.114  1.00 0.00 ?  34 SER A HG   1 
ATOM 578 N N    . ALA A 1 35 ? -6.383  -9.092  1.281   1.00 0.00 ?  35 ALA A N    1 
ATOM 579 C CA   . ALA A 1 35 ? -6.069  -9.546  2.626   1.00 0.00 ?  35 ALA A CA   1 
ATOM 580 C C    . ALA A 1 35 ? -4.656  -9.130  3.057   1.00 0.00 ?  35 ALA A C    1 
ATOM 581 O O    . ALA A 1 35 ? -4.373  -9.041  4.250   1.00 0.00 ?  35 ALA A O    1 
ATOM 582 C CB   . ALA A 1 35 ? -6.243  -11.073 2.689   1.00 0.00 ?  35 ALA A CB   1 
ATOM 583 H H    . ALA A 1 35 ? -6.676  -9.761  0.627   1.00 0.00 ?  35 ALA A H    1 
ATOM 584 H HA   . ALA A 1 35 ? -6.775  -9.090  3.307   1.00 0.00 ?  35 ALA A HA   1 
ATOM 585 H HB1  . ALA A 1 35 ? -5.277  -11.555 2.707   1.00 0.00 ?  35 ALA A HB1  1 
ATOM 586 H HB2  . ALA A 1 35 ? -6.792  -11.396 1.813   1.00 0.00 ?  35 ALA A HB2  1 
ATOM 587 H HB3  . ALA A 1 35 ? -6.798  -11.346 3.577   1.00 0.00 ?  35 ALA A HB3  1 
ATOM 588 N N    . LEU A 1 36 ? -3.784  -8.843  2.093   1.00 0.00 ?  36 LEU A N    1 
ATOM 589 C CA   . LEU A 1 36 ? -2.429  -8.400  2.426   1.00 0.00 ?  36 LEU A CA   1 
ATOM 590 C C    . LEU A 1 36 ? -2.503  -7.052  3.139   1.00 0.00 ?  36 LEU A C    1 
ATOM 591 O O    . LEU A 1 36 ? -1.789  -6.802  4.110   1.00 0.00 ?  36 LEU A O    1 
ATOM 592 C CB   . LEU A 1 36 ? -1.575  -8.268  1.154   1.00 0.00 ?  36 LEU A CB   1 
ATOM 593 C CG   . LEU A 1 36 ? -0.150  -7.816  1.507   1.00 0.00 ?  36 LEU A CG   1 
ATOM 594 C CD1  . LEU A 1 36 ? 0.526   -8.855  2.416   1.00 0.00 ?  36 LEU A CD1  1 
ATOM 595 C CD2  . LEU A 1 36 ? 0.647   -7.667  0.208   1.00 0.00 ?  36 LEU A CD2  1 
ATOM 596 H H    . LEU A 1 36 ? -4.073  -8.845  1.157   1.00 0.00 ?  36 LEU A H    1 
ATOM 597 H HA   . LEU A 1 36 ? -1.979  -9.126  3.084   1.00 0.00 ?  36 LEU A HA   1 
ATOM 598 H HB2  . LEU A 1 36 ? -1.524  -9.223  0.653   1.00 0.00 ?  36 LEU A HB2  1 
ATOM 599 H HB3  . LEU A 1 36 ? -2.019  -7.539  0.494   1.00 0.00 ?  36 LEU A HB3  1 
ATOM 600 H HG   . LEU A 1 36 ? -0.187  -6.865  2.015   1.00 0.00 ?  36 LEU A HG   1 
ATOM 601 H HD11 . LEU A 1 36 ? 0.199   -9.849  2.140   1.00 0.00 ?  36 LEU A HD11 1 
ATOM 602 H HD12 . LEU A 1 36 ? 0.256   -8.662  3.443   1.00 0.00 ?  36 LEU A HD12 1 
ATOM 603 H HD13 . LEU A 1 36 ? 1.600   -8.789  2.312   1.00 0.00 ?  36 LEU A HD13 1 
ATOM 604 H HD21 . LEU A 1 36 ? 1.576   -7.154  0.412   1.00 0.00 ?  36 LEU A HD21 1 
ATOM 605 H HD22 . LEU A 1 36 ? 0.069   -7.098  -0.505  1.00 0.00 ?  36 LEU A HD22 1 
ATOM 606 H HD23 . LEU A 1 36 ? 0.857   -8.645  -0.200  1.00 0.00 ?  36 LEU A HD23 1 
ATOM 607 N N    . VAL A 1 37 ? -3.382  -6.191  2.632   1.00 0.00 ?  37 VAL A N    1 
ATOM 608 C CA   . VAL A 1 37 ? -3.581  -4.857  3.192   1.00 0.00 ?  37 VAL A CA   1 
ATOM 609 C C    . VAL A 1 37 ? -4.066  -4.945  4.637   1.00 0.00 ?  37 VAL A C    1 
ATOM 610 O O    . VAL A 1 37 ? -3.690  -4.130  5.479   1.00 0.00 ?  37 VAL A O    1 
ATOM 611 C CB   . VAL A 1 37 ? -4.601  -4.088  2.345   1.00 0.00 ?  37 VAL A CB   1 
ATOM 612 C CG1  . VAL A 1 37 ? -4.964  -2.768  3.034   1.00 0.00 ?  37 VAL A CG1  1 
ATOM 613 C CG2  . VAL A 1 37 ? -4.001  -3.794  0.969   1.00 0.00 ?  37 VAL A CG2  1 
ATOM 614 H H    . VAL A 1 37 ? -3.915  -6.463  1.855   1.00 0.00 ?  37 VAL A H    1 
ATOM 615 H HA   . VAL A 1 37 ? -2.641  -4.326  3.170   1.00 0.00 ?  37 VAL A HA   1 
ATOM 616 H HB   . VAL A 1 37 ? -5.491  -4.688  2.230   1.00 0.00 ?  37 VAL A HB   1 
ATOM 617 H HG11 . VAL A 1 37 ? -5.617  -2.967  3.871   1.00 0.00 ?  37 VAL A HG11 1 
ATOM 618 H HG12 . VAL A 1 37 ? -5.467  -2.121  2.331   1.00 0.00 ?  37 VAL A HG12 1 
ATOM 619 H HG13 . VAL A 1 37 ? -4.064  -2.287  3.386   1.00 0.00 ?  37 VAL A HG13 1 
ATOM 620 H HG21 . VAL A 1 37 ? -4.765  -3.389  0.321   1.00 0.00 ?  37 VAL A HG21 1 
ATOM 621 H HG22 . VAL A 1 37 ? -3.614  -4.707  0.541   1.00 0.00 ?  37 VAL A HG22 1 
ATOM 622 H HG23 . VAL A 1 37 ? -3.200  -3.077  1.071   1.00 0.00 ?  37 VAL A HG23 1 
ATOM 623 N N    . GLU A 1 38 ? -4.918  -5.926  4.910   1.00 0.00 ?  38 GLU A N    1 
ATOM 624 C CA   . GLU A 1 38 ? -5.468  -6.096  6.250   1.00 0.00 ?  38 GLU A CA   1 
ATOM 625 C C    . GLU A 1 38 ? -4.346  -6.251  7.271   1.00 0.00 ?  38 GLU A C    1 
ATOM 626 O O    . GLU A 1 38 ? -4.469  -5.804  8.409   1.00 0.00 ?  38 GLU A O    1 
ATOM 627 C CB   . GLU A 1 38 ? -6.374  -7.330  6.291   1.00 0.00 ?  38 GLU A CB   1 
ATOM 628 C CG   . GLU A 1 38 ? -7.653  -7.055  5.497   1.00 0.00 ?  38 GLU A CG   1 
ATOM 629 C CD   . GLU A 1 38 ? -8.478  -8.331  5.381   1.00 0.00 ?  38 GLU A CD   1 
ATOM 630 O OE1  . GLU A 1 38 ? -7.951  -9.385  5.699   1.00 0.00 ?  38 GLU A OE1  1 
ATOM 631 O OE2  . GLU A 1 38 ? -9.625  -8.238  4.976   1.00 0.00 -1 38 GLU A OE2  1 
ATOM 632 H H    . GLU A 1 38 ? -5.194  -6.537  4.195   1.00 0.00 ?  38 GLU A H    1 
ATOM 633 H HA   . GLU A 1 38 ? -6.053  -5.226  6.502   1.00 0.00 ?  38 GLU A HA   1 
ATOM 634 H HB2  . GLU A 1 38 ? -5.855  -8.172  5.859   1.00 0.00 ?  38 GLU A HB2  1 
ATOM 635 H HB3  . GLU A 1 38 ? -6.631  -7.553  7.316   1.00 0.00 ?  38 GLU A HB3  1 
ATOM 636 H HG2  . GLU A 1 38 ? -8.233  -6.297  6.003   1.00 0.00 ?  38 GLU A HG2  1 
ATOM 637 H HG3  . GLU A 1 38 ? -7.394  -6.706  4.508   1.00 0.00 ?  38 GLU A HG3  1 
ATOM 638 N N    . LEU A 1 39 ? -3.256  -6.892  6.871   1.00 0.00 ?  39 LEU A N    1 
ATOM 639 C CA   . LEU A 1 39 ? -2.137  -7.096  7.781   1.00 0.00 ?  39 LEU A CA   1 
ATOM 640 C C    . LEU A 1 39 ? -1.657  -5.755  8.335   1.00 0.00 ?  39 LEU A C    1 
ATOM 641 O O    . LEU A 1 39 ? -1.317  -5.653  9.514   1.00 0.00 ?  39 LEU A O    1 
ATOM 642 C CB   . LEU A 1 39 ? -0.990  -7.800  7.044   1.00 0.00 ?  39 LEU A CB   1 
ATOM 643 C CG   . LEU A 1 39 ? 0.205   -8.023  7.987   1.00 0.00 ?  39 LEU A CG   1 
ATOM 644 C CD1  . LEU A 1 39 ? -0.212  -8.906  9.176   1.00 0.00 ?  39 LEU A CD1  1 
ATOM 645 C CD2  . LEU A 1 39 ? 1.329   -8.710  7.206   1.00 0.00 ?  39 LEU A CD2  1 
ATOM 646 H H    . LEU A 1 39 ? -3.204  -7.254  5.961   1.00 0.00 ?  39 LEU A H    1 
ATOM 647 H HA   . LEU A 1 39 ? -2.464  -7.717  8.599   1.00 0.00 ?  39 LEU A HA   1 
ATOM 648 H HB2  . LEU A 1 39 ? -1.337  -8.755  6.677   1.00 0.00 ?  39 LEU A HB2  1 
ATOM 649 H HB3  . LEU A 1 39 ? -0.675  -7.191  6.210   1.00 0.00 ?  39 LEU A HB3  1 
ATOM 650 H HG   . LEU A 1 39 ? 0.558   -7.071  8.356   1.00 0.00 ?  39 LEU A HG   1 
ATOM 651 H HD11 . LEU A 1 39 ? -0.919  -9.653  8.846   1.00 0.00 ?  39 LEU A HD11 1 
ATOM 652 H HD12 . LEU A 1 39 ? -0.668  -8.291  9.938   1.00 0.00 ?  39 LEU A HD12 1 
ATOM 653 H HD13 . LEU A 1 39 ? 0.659   -9.395  9.591   1.00 0.00 ?  39 LEU A HD13 1 
ATOM 654 H HD21 . LEU A 1 39 ? 2.151   -8.925  7.873   1.00 0.00 ?  39 LEU A HD21 1 
ATOM 655 H HD22 . LEU A 1 39 ? 1.669   -8.059  6.414   1.00 0.00 ?  39 LEU A HD22 1 
ATOM 656 H HD23 . LEU A 1 39 ? 0.961   -9.632  6.780   1.00 0.00 ?  39 LEU A HD23 1 
ATOM 657 N N    . GLY A 1 40 ? -1.644  -4.726  7.493   1.00 0.00 ?  40 GLY A N    1 
ATOM 658 C CA   . GLY A 1 40 ? -1.219  -3.398  7.926   1.00 0.00 ?  40 GLY A CA   1 
ATOM 659 C C    . GLY A 1 40 ? -2.131  -2.868  9.039   1.00 0.00 ?  40 GLY A C    1 
ATOM 660 O O    . GLY A 1 40 ? -1.675  -2.224  9.983   1.00 0.00 ?  40 GLY A O    1 
ATOM 661 H H    . GLY A 1 40 ? -1.944  -4.840  6.566   1.00 0.00 ?  40 GLY A H    1 
ATOM 662 H HA2  . GLY A 1 40 ? -0.198  -3.444  8.276   1.00 0.00 ?  40 GLY A HA2  1 
ATOM 663 H HA3  . GLY A 1 40 ? -1.270  -2.723  7.084   1.00 0.00 ?  40 GLY A HA3  1 
ATOM 664 N N    . VAL A 1 41 ? -3.428  -3.141  8.898   1.00 0.00 ?  41 VAL A N    1 
ATOM 665 C CA   . VAL A 1 41 ? -4.428  -2.692  9.869   1.00 0.00 ?  41 VAL A CA   1 
ATOM 666 C C    . VAL A 1 41 ? -4.212  -3.328  11.253  1.00 0.00 ?  41 VAL A C    1 
ATOM 667 O O    . VAL A 1 41 ? -4.327  -2.653  12.276  1.00 0.00 ?  41 VAL A O    1 
ATOM 668 C CB   . VAL A 1 41 ? -5.836  -3.022  9.345   1.00 0.00 ?  41 VAL A CB   1 
ATOM 669 C CG1  . VAL A 1 41 ? -6.866  -2.805  10.455  1.00 0.00 ?  41 VAL A CG1  1 
ATOM 670 C CG2  . VAL A 1 41 ? -6.182  -2.104  8.159   1.00 0.00 ?  41 VAL A CG2  1 
ATOM 671 H H    . VAL A 1 41 ? -3.710  -3.661  8.121   1.00 0.00 ?  41 VAL A H    1 
ATOM 672 H HA   . VAL A 1 41 ? -4.346  -1.617  9.968   1.00 0.00 ?  41 VAL A HA   1 
ATOM 673 H HB   . VAL A 1 41 ? -5.869  -4.052  9.025   1.00 0.00 ?  41 VAL A HB   1 
ATOM 674 H HG11 . VAL A 1 41 ? -7.857  -2.778  10.029  1.00 0.00 ?  41 VAL A HG11 1 
ATOM 675 H HG12 . VAL A 1 41 ? -6.661  -1.871  10.955  1.00 0.00 ?  41 VAL A HG12 1 
ATOM 676 H HG13 . VAL A 1 41 ? -6.801  -3.616  11.165  1.00 0.00 ?  41 VAL A HG13 1 
ATOM 677 H HG21 . VAL A 1 41 ? -5.319  -1.986  7.523   1.00 0.00 ?  41 VAL A HG21 1 
ATOM 678 H HG22 . VAL A 1 41 ? -6.488  -1.137  8.526   1.00 0.00 ?  41 VAL A HG22 1 
ATOM 679 H HG23 . VAL A 1 41 ? -6.990  -2.542  7.591   1.00 0.00 ?  41 VAL A HG23 1 
ATOM 680 N N    . GLU A 1 42 ? -3.954  -4.634  11.278  1.00 0.00 ?  42 GLU A N    1 
ATOM 681 C CA   . GLU A 1 42 ? -3.788  -5.360  12.553  1.00 0.00 ?  42 GLU A CA   1 
ATOM 682 C C    . GLU A 1 42 ? -2.670  -4.796  13.464  1.00 0.00 ?  42 GLU A C    1 
ATOM 683 O O    . GLU A 1 42 ? -2.845  -4.749  14.681  1.00 0.00 ?  42 GLU A O    1 
ATOM 684 C CB   . GLU A 1 42 ? -3.499  -6.835  12.263  1.00 0.00 ?  42 GLU A CB   1 
ATOM 685 C CG   . GLU A 1 42 ? -4.744  -7.495  11.665  1.00 0.00 ?  42 GLU A CG   1 
ATOM 686 C CD   . GLU A 1 42 ? -5.833  -7.621  12.725  1.00 0.00 ?  42 GLU A CD   1 
ATOM 687 O OE1  . GLU A 1 42 ? -5.512  -7.490  13.896  1.00 0.00 -1 42 GLU A OE1  1 
ATOM 688 O OE2  . GLU A 1 42 ? -6.972  -7.848  12.353  1.00 0.00 ?  42 GLU A OE2  1 
ATOM 689 H H    . GLU A 1 42 ? -3.935  -5.137  10.424  1.00 0.00 ?  42 GLU A H    1 
ATOM 690 H HA   . GLU A 1 42 ? -4.719  -5.304  13.094  1.00 0.00 ?  42 GLU A HA   1 
ATOM 691 H HB2  . GLU A 1 42 ? -2.679  -6.910  11.563  1.00 0.00 ?  42 GLU A HB2  1 
ATOM 692 H HB3  . GLU A 1 42 ? -3.234  -7.336  13.182  1.00 0.00 ?  42 GLU A HB3  1 
ATOM 693 H HG2  . GLU A 1 42 ? -5.109  -6.894  10.847  1.00 0.00 ?  42 GLU A HG2  1 
ATOM 694 H HG3  . GLU A 1 42 ? -4.486  -8.479  11.301  1.00 0.00 ?  42 GLU A HG3  1 
ATOM 695 N N    . LEU A 1 43 ? -1.544  -4.355  12.898  1.00 0.00 ?  43 LEU A N    1 
ATOM 696 C CA   . LEU A 1 43 ? -0.449  -3.789  13.691  1.00 0.00 ?  43 LEU A CA   1 
ATOM 697 C C    . LEU A 1 43 ? -0.720  -2.306  13.988  1.00 0.00 ?  43 LEU A C    1 
ATOM 698 O O    . LEU A 1 43 ? 0.079   -1.657  14.663  1.00 0.00 ?  43 LEU A O    1 
ATOM 699 C CB   . LEU A 1 43 ? 0.944   -3.981  13.011  1.00 0.00 ?  43 LEU A CB   1 
ATOM 700 C CG   . LEU A 1 43 ? 1.531   -5.372  13.343  1.00 0.00 ?  43 LEU A CG   1 
ATOM 701 C CD1  . LEU A 1 43 ? 1.881   -5.482  14.844  1.00 0.00 ?  43 LEU A CD1  1 
ATOM 702 C CD2  . LEU A 1 43 ? 0.529   -6.471  12.960  1.00 0.00 ?  43 LEU A CD2  1 
ATOM 703 H H    . LEU A 1 43 ? -1.449  -4.376  11.940  1.00 0.00 ?  43 LEU A H    1 
ATOM 704 H HA   . LEU A 1 43 ? -0.433  -4.301  14.640  1.00 0.00 ?  43 LEU A HA   1 
ATOM 705 H HB2  . LEU A 1 43 ? 0.861   -3.889  11.937  1.00 0.00 ?  43 LEU A HB2  1 
ATOM 706 H HB3  . LEU A 1 43 ? 1.629   -3.223  13.373  1.00 0.00 ?  43 LEU A HB3  1 
ATOM 707 H HG   . LEU A 1 43 ? 2.437   -5.509  12.768  1.00 0.00 ?  43 LEU A HG   1 
ATOM 708 H HD11 . LEU A 1 43 ? 2.121   -4.506  15.240  1.00 0.00 ?  43 LEU A HD11 1 
ATOM 709 H HD12 . LEU A 1 43 ? 2.736   -6.131  14.961  1.00 0.00 ?  43 LEU A HD12 1 
ATOM 710 H HD13 . LEU A 1 43 ? 1.046   -5.896  15.392  1.00 0.00 ?  43 LEU A HD13 1 
ATOM 711 H HD21 . LEU A 1 43 ? 0.257   -6.366  11.920  1.00 0.00 ?  43 LEU A HD21 1 
ATOM 712 H HD22 . LEU A 1 43 ? -0.353  -6.389  13.575  1.00 0.00 ?  43 LEU A HD22 1 
ATOM 713 H HD23 . LEU A 1 43 ? 0.984   -7.439  13.115  1.00 0.00 ?  43 LEU A HD23 1 
ATOM 714 N N    . GLY A 1 44 ? -1.846  -1.762  13.487  1.00 0.00 ?  44 GLY A N    1 
ATOM 715 C CA   . GLY A 1 44 ? -2.167  -0.357  13.729  1.00 0.00 ?  44 GLY A CA   1 
ATOM 716 C C    . GLY A 1 44 ? -1.461  0.542   12.732  1.00 0.00 ?  44 GLY A C    1 
ATOM 717 O O    . GLY A 1 44 ? -0.936  1.594   13.095  1.00 0.00 ?  44 GLY A O    1 
ATOM 718 H H    . GLY A 1 44 ? -2.485  -2.313  12.979  1.00 0.00 ?  44 GLY A H    1 
ATOM 719 H HA2  . GLY A 1 44 ? -3.231  -0.214  13.637  1.00 0.00 ?  44 GLY A HA2  1 
ATOM 720 H HA3  . GLY A 1 44 ? -1.855  -0.085  14.725  1.00 0.00 ?  44 GLY A HA3  1 
ATOM 721 N N    . HIS A 1 45 ? -1.450  0.118   11.474  1.00 0.00 ?  45 HIS A N    1 
ATOM 722 C CA   . HIS A 1 45 ? -0.807  0.883   10.425  1.00 0.00 ?  45 HIS A CA   1 
ATOM 723 C C    . HIS A 1 45 ? 0.492   1.492   10.914  1.00 0.00 ?  45 HIS A C    1 
ATOM 724 O O    . HIS A 1 45 ? 0.503   2.621   11.394  1.00 0.00 ?  45 HIS A O    1 
ATOM 725 C CB   . HIS A 1 45 ? -1.720  2.001   9.936   1.00 0.00 ?  45 HIS A CB   1 
ATOM 726 C CG   . HIS A 1 45 ? -2.916  1.420   9.236   1.00 0.00 ?  45 HIS A CG   1 
ATOM 727 N ND1  . HIS A 1 45 ? -2.828  0.841   7.981   1.00 0.00 ?  45 HIS A ND1  1 
ATOM 728 C CD2  . HIS A 1 45 ? -4.239  1.344   9.592   1.00 0.00 ?  45 HIS A CD2  1 
ATOM 729 C CE1  . HIS A 1 45 ? -4.065  0.445   7.629   1.00 0.00 ?  45 HIS A CE1  1 
ATOM 730 N NE2  . HIS A 1 45 ? -4.962  0.730   8.576   1.00 0.00 ?  45 HIS A NE2  1 
ATOM 731 H H    . HIS A 1 45 ? -1.888  -0.719  11.249  1.00 0.00 ?  45 HIS A H    1 
ATOM 732 H HA   . HIS A 1 45 ? -0.593  0.225   9.597   1.00 0.00 ?  45 HIS A HA   1 
ATOM 733 H HB2  . HIS A 1 45 ? -2.046  2.592   10.777  1.00 0.00 ?  45 HIS A HB2  1 
ATOM 734 H HB3  . HIS A 1 45 ? -1.169  2.624   9.251   1.00 0.00 ?  45 HIS A HB3  1 
ATOM 735 H HD1  . HIS A 1 45 ? -2.013  0.736   7.447   1.00 0.00 ?  45 HIS A HD1  1 
ATOM 736 H HD2  . HIS A 1 45 ? -4.654  1.702   10.522  1.00 0.00 ?  45 HIS A HD2  1 
ATOM 737 H HE1  . HIS A 1 45 ? -4.302  -0.041  6.695   1.00 0.00 ?  45 HIS A HE1  1 
ATOM 738 H HE2  . HIS A 1 45 ? -5.925  0.554   8.555   1.00 0.00 ?  45 HIS A HE2  1 
ATOM 739 N N    . HIS A 1 46 ? 1.585   0.752   10.808  1.00 0.00 ?  46 HIS A N    1 
ATOM 740 C CA   . HIS A 1 46 ? 2.874   1.275   11.255  1.00 0.00 ?  46 HIS A CA   1 
ATOM 741 C C    . HIS A 1 46 ? 3.026   2.714   10.763  1.00 0.00 ?  46 HIS A C    1 
ATOM 742 O O    . HIS A 1 46 ? 3.777   3.510   11.326  1.00 0.00 ?  46 HIS A O    1 
ATOM 743 C CB   . HIS A 1 46 ? 4.015   0.416   10.707  1.00 0.00 ?  46 HIS A CB   1 
ATOM 744 C CG   . HIS A 1 46 ? 5.296   0.781   11.408  1.00 0.00 ?  46 HIS A CG   1 
ATOM 745 N ND1  . HIS A 1 46 ? 6.047   1.889   11.045  1.00 0.00 ?  46 HIS A ND1  1 
ATOM 746 C CD2  . HIS A 1 46 ? 5.970   0.197   12.451  1.00 0.00 ?  46 HIS A CD2  1 
ATOM 747 C CE1  . HIS A 1 46 ? 7.118   1.936   11.859  1.00 0.00 ?  46 HIS A CE1  1 
ATOM 748 N NE2  . HIS A 1 46 ? 7.119   0.928   12.734  1.00 0.00 ?  46 HIS A NE2  1 
ATOM 749 H H    . HIS A 1 46 ? 1.520   -0.155  10.442  1.00 0.00 ?  46 HIS A H    1 
ATOM 750 H HA   . HIS A 1 46 ? 2.906   1.264   12.336  1.00 0.00 ?  46 HIS A HA   1 
ATOM 751 H HB2  . HIS A 1 46 ? 3.795   -0.627  10.879  1.00 0.00 ?  46 HIS A HB2  1 
ATOM 752 H HB3  . HIS A 1 46 ? 4.122   0.593   9.648   1.00 0.00 ?  46 HIS A HB3  1 
ATOM 753 H HD1  . HIS A 1 46 ? 5.836   2.522   10.328  1.00 0.00 ?  46 HIS A HD1  1 
ATOM 754 H HD2  . HIS A 1 46 ? 5.656   -0.696  12.972  1.00 0.00 ?  46 HIS A HD2  1 
ATOM 755 H HE1  . HIS A 1 46 ? 7.882   2.698   11.809  1.00 0.00 ?  46 HIS A HE1  1 
ATOM 756 H HE2  . HIS A 1 46 ? 7.787   0.743   13.427  1.00 0.00 ?  46 HIS A HE2  1 
ATOM 757 N N    . ALA A 1 47 ? 2.279   3.032   9.692   1.00 0.00 ?  47 ALA A N    1 
ATOM 758 C CA   . ALA A 1 47 ? 2.254   4.376   9.122   1.00 0.00 ?  47 ALA A CA   1 
ATOM 759 C C    . ALA A 1 47 ? 1.204   5.229   9.796   1.00 0.00 ?  47 ALA A C    1 
ATOM 760 O O    . ALA A 1 47 ? 0.314   4.706   10.472  1.00 0.00 ?  47 ALA A O    1 
ATOM 761 C CB   . ALA A 1 47 ? 2.026   4.237   7.607   1.00 0.00 ?  47 ALA A CB   1 
ATOM 762 H H    . ALA A 1 47 ? 1.729   2.335   9.276   1.00 0.00 ?  47 ALA A H    1 
ATOM 763 H HA   . ALA A 1 47 ? 3.233   4.856   9.305   1.00 0.00 ?  47 ALA A HA   1 
ATOM 764 H HB1  . ALA A 1 47 ? 2.012   5.220   7.101   1.00 0.00 ?  47 ALA A HB1  1 
ATOM 765 H HB2  . ALA A 1 47 ? 2.824   3.641   7.126   1.00 0.00 ?  47 ALA A HB2  1 
ATOM 766 H HB3  . ALA A 1 47 ? 1.064   3.738   7.375   1.00 0.00 ?  47 ALA A HB3  1 
ATOM 767 N N    . PRO A 1 48 ? 1.252   6.519   9.640   1.00 0.00 ?  48 PRO A N    1 
ATOM 768 C CA   . PRO A 1 48 ? 0.261   7.445   10.277  1.00 0.00 ?  48 PRO A CA   1 
ATOM 769 C C    . PRO A 1 48 ? -1.191  7.269   9.766   1.00 0.00 ?  48 PRO A C    1 
ATOM 770 O O    . PRO A 1 48 ? -1.922  8.256   9.670   1.00 0.00 ?  48 PRO A O    1 
ATOM 771 C CB   . PRO A 1 48 ? 0.812   8.845   9.922   1.00 0.00 ?  48 PRO A CB   1 
ATOM 772 C CG   . PRO A 1 48 ? 1.642   8.636   8.698   1.00 0.00 ?  48 PRO A CG   1 
ATOM 773 C CD   . PRO A 1 48 ? 2.264   7.253   8.857   1.00 0.00 ?  48 PRO A CD   1 
ATOM 774 H HA   . PRO A 1 48 ? 0.294   7.328   11.349  1.00 0.00 ?  48 PRO A HA   1 
ATOM 775 H HB2  . PRO A 1 48 ? 0.006   9.540   9.719   1.00 0.00 ?  48 PRO A HB2  1 
ATOM 776 H HB3  . PRO A 1 48 ? 1.432   9.221   10.724  1.00 0.00 ?  48 PRO A HB3  1 
ATOM 777 H HG2  . PRO A 1 48 ? 1.017   8.669   7.814   1.00 0.00 ?  48 PRO A HG2  1 
ATOM 778 H HG3  . PRO A 1 48 ? 2.420   9.382   8.634   1.00 0.00 ?  48 PRO A HG3  1 
ATOM 779 H HD2  . PRO A 1 48 ? 2.421   6.797   7.891   1.00 0.00 ?  48 PRO A HD2  1 
ATOM 780 H HD3  . PRO A 1 48 ? 3.190   7.312   9.407   1.00 0.00 ?  48 PRO A HD3  1 
ATOM 781 N N    . TRP A 1 49 ? -1.631  6.031   9.439   1.00 0.00 ?  49 TRP A N    1 
ATOM 782 C CA   . TRP A 1 49 ? -3.021  5.841   8.947   1.00 0.00 ?  49 TRP A CA   1 
ATOM 783 C C    . TRP A 1 49 ? -3.985  5.345   10.041  1.00 0.00 ?  49 TRP A C    1 
ATOM 784 O O    . TRP A 1 49 ? -5.201  5.400   9.857   1.00 0.00 ?  49 TRP A O    1 
ATOM 785 C CB   . TRP A 1 49 ? -3.065  4.859   7.770   1.00 0.00 ?  49 TRP A CB   1 
ATOM 786 C CG   . TRP A 1 49 ? -2.408  5.464   6.572   1.00 0.00 ?  49 TRP A CG   1 
ATOM 787 C CD1  . TRP A 1 49 ? -1.273  5.008   5.997   1.00 0.00 ?  49 TRP A CD1  1 
ATOM 788 C CD2  . TRP A 1 49 ? -2.818  6.631   5.799   1.00 0.00 ?  49 TRP A CD2  1 
ATOM 789 N NE1  . TRP A 1 49 ? -0.963  5.813   4.915   1.00 0.00 ?  49 TRP A NE1  1 
ATOM 790 C CE2  . TRP A 1 49 ? -1.884  6.830   4.755   1.00 0.00 ?  49 TRP A CE2  1 
ATOM 791 C CE3  . TRP A 1 49 ? -3.900  7.525   5.901   1.00 0.00 ?  49 TRP A CE3  1 
ATOM 792 C CZ2  . TRP A 1 49 ? -2.019  7.877   3.843   1.00 0.00 ?  49 TRP A CZ2  1 
ATOM 793 C CZ3  . TRP A 1 49 ? -4.037  8.582   4.986   1.00 0.00 ?  49 TRP A CZ3  1 
ATOM 794 C CH2  . TRP A 1 49 ? -3.098  8.757   3.959   1.00 0.00 ?  49 TRP A CH2  1 
ATOM 795 H H    . TRP A 1 49 ? -1.029  5.250   9.522   1.00 0.00 ?  49 TRP A H    1 
ATOM 796 H HA   . TRP A 1 49 ? -3.393  6.793   8.592   1.00 0.00 ?  49 TRP A HA   1 
ATOM 797 H HB2  . TRP A 1 49 ? -2.553  3.953   8.037   1.00 0.00 ?  49 TRP A HB2  1 
ATOM 798 H HB3  . TRP A 1 49 ? -4.094  4.630   7.535   1.00 0.00 ?  49 TRP A HB3  1 
ATOM 799 H HD1  . TRP A 1 49 ? -0.709  4.148   6.321   1.00 0.00 ?  49 TRP A HD1  1 
ATOM 800 H HE1  . TRP A 1 49 ? -0.190  5.696   4.326   1.00 0.00 ?  49 TRP A HE1  1 
ATOM 801 H HE3  . TRP A 1 49 ? -4.628  7.399   6.688   1.00 0.00 ?  49 TRP A HE3  1 
ATOM 802 H HZ2  . TRP A 1 49 ? -1.293  8.009   3.055   1.00 0.00 ?  49 TRP A HZ2  1 
ATOM 803 H HZ3  . TRP A 1 49 ? -4.871  9.263   5.073   1.00 0.00 ?  49 TRP A HZ3  1 
ATOM 804 H HH2  . TRP A 1 49 ? -3.210  9.571   3.259   1.00 0.00 ?  49 TRP A HH2  1 
ATOM 805 N N    . ASP A 1 50 ? -3.461  4.866   11.168  1.00 0.00 ?  50 ASP A N    1 
ATOM 806 C CA   . ASP A 1 50 ? -4.310  4.378   12.250  1.00 0.00 ?  50 ASP A CA   1 
ATOM 807 C C    . ASP A 1 50 ? -5.180  5.504   12.803  1.00 0.00 ?  50 ASP A C    1 
ATOM 808 O O    . ASP A 1 50 ? -5.971  5.284   13.718  1.00 0.00 ?  50 ASP A O    1 
ATOM 809 C CB   . ASP A 1 50 ? -3.446  3.804   13.375  1.00 0.00 ?  50 ASP A CB   1 
ATOM 810 C CG   . ASP A 1 50 ? -4.311  3.011   14.350  1.00 0.00 ?  50 ASP A CG   1 
ATOM 811 O OD1  . ASP A 1 50 ? -5.519  3.020   14.184  1.00 0.00 ?  50 ASP A OD1  1 
ATOM 812 O OD2  . ASP A 1 50 ? -3.751  2.406   15.249  1.00 0.00 -1 50 ASP A OD2  1 
ATOM 813 H H    . ASP A 1 50 ? -2.499  4.837   11.279  1.00 0.00 ?  50 ASP A H    1 
ATOM 814 H HA   . ASP A 1 50 ? -4.949  3.596   11.869  1.00 0.00 ?  50 ASP A HA   1 
ATOM 815 H HB2  . ASP A 1 50 ? -2.695  3.154   12.953  1.00 0.00 ?  50 ASP A HB2  1 
ATOM 816 H HB3  . ASP A 1 50 ? -2.963  4.613   13.902  1.00 0.00 ?  50 ASP A HB3  1 
ATOM 817 N N    . VAL A 1 51 ? -5.015  6.706   12.248  1.00 0.00 ?  51 VAL A N    1 
ATOM 818 C CA   . VAL A 1 51 ? -5.771  7.877   12.681  1.00 0.00 ?  51 VAL A CA   1 
ATOM 819 C C    . VAL A 1 51 ? -5.329  8.329   14.067  1.00 0.00 ?  51 VAL A C    1 
ATOM 820 O O    . VAL A 1 51 ? -5.081  9.515   14.290  1.00 0.00 ?  51 VAL A O    1 
ATOM 821 C CB   . VAL A 1 51 ? -7.271  7.585   12.671  1.00 0.00 ?  51 VAL A CB   1 
ATOM 822 C CG1  . VAL A 1 51 ? -8.047  8.895   12.820  1.00 0.00 ?  51 VAL A CG1  1 
ATOM 823 C CG2  . VAL A 1 51 ? -7.653  6.916   11.348  1.00 0.00 ?  51 VAL A CG2  1 
ATOM 824 H H    . VAL A 1 51 ? -4.367  6.821   11.534  1.00 0.00 ?  51 VAL A H    1 
ATOM 825 H HA   . VAL A 1 51 ? -5.576  8.679   11.987  1.00 0.00 ?  51 VAL A HA   1 
ATOM 826 H HB   . VAL A 1 51 ? -7.513  6.934   13.489  1.00 0.00 ?  51 VAL A HB   1 
ATOM 827 H HG11 . VAL A 1 51 ? -9.099  8.679   12.937  1.00 0.00 ?  51 VAL A HG11 1 
ATOM 828 H HG12 . VAL A 1 51 ? -7.901  9.502   11.939  1.00 0.00 ?  51 VAL A HG12 1 
ATOM 829 H HG13 . VAL A 1 51 ? -7.689  9.429   13.688  1.00 0.00 ?  51 VAL A HG13 1 
ATOM 830 H HG21 . VAL A 1 51 ? -7.313  5.890   11.352  1.00 0.00 ?  51 VAL A HG21 1 
ATOM 831 H HG22 . VAL A 1 51 ? -7.188  7.444   10.529  1.00 0.00 ?  51 VAL A HG22 1 
ATOM 832 H HG23 . VAL A 1 51 ? -8.725  6.939   11.228  1.00 0.00 ?  51 VAL A HG23 1 
ATOM 833 N N    . ASP A 1 52 ? -5.223  7.387   14.996  1.00 0.00 ?  52 ASP A N    1 
ATOM 834 C CA   . ASP A 1 52 ? -4.799  7.706   16.357  1.00 0.00 ?  52 ASP A CA   1 
ATOM 835 C C    . ASP A 1 52 ? -3.280  7.649   16.455  1.00 0.00 ?  52 ASP A C    1 
ATOM 836 O O    . ASP A 1 52 ? -2.714  7.755   17.543  1.00 0.00 ?  52 ASP A O    1 
ATOM 837 C CB   . ASP A 1 52 ? -5.412  6.709   17.342  1.00 0.00 ?  52 ASP A CB   1 
ATOM 838 C CG   . ASP A 1 52 ? -6.914  6.946   17.455  1.00 0.00 ?  52 ASP A CG   1 
ATOM 839 O OD1  . ASP A 1 52 ? -7.364  7.988   17.008  1.00 0.00 -1 52 ASP A OD1  1 
ATOM 840 O OD2  . ASP A 1 52 ? -7.593  6.082   17.985  1.00 0.00 ?  52 ASP A OD2  1 
ATOM 841 H H    . ASP A 1 52 ? -5.433  6.457   14.772  1.00 0.00 ?  52 ASP A H    1 
ATOM 842 H HA   . ASP A 1 52 ? -5.133  8.702   16.613  1.00 0.00 ?  52 ASP A HA   1 
ATOM 843 H HB2  . ASP A 1 52 ? -5.232  5.703   16.993  1.00 0.00 ?  52 ASP A HB2  1 
ATOM 844 H HB3  . ASP A 1 52 ? -4.958  6.838   18.313  1.00 0.00 ?  52 ASP A HB3  1 
ATOM 845 N N    . ASP A 1 53 ? -2.630  7.469   15.308  1.00 0.00 ?  53 ASP A N    1 
ATOM 846 C CA   . ASP A 1 53 ? -1.175  7.386   15.263  1.00 0.00 ?  53 ASP A CA   1 
ATOM 847 C C    . ASP A 1 53 ? -0.687  6.269   16.176  1.00 0.00 ?  53 ASP A C    1 
ATOM 848 O O    . ASP A 1 53 ? 0.341   6.396   16.840  1.00 0.00 ?  53 ASP A O    1 
ATOM 849 C CB   . ASP A 1 53 ? -0.551  8.717   15.691  1.00 0.00 ?  53 ASP A CB   1 
ATOM 850 C CG   . ASP A 1 53 ? -0.828  9.785   14.637  1.00 0.00 ?  53 ASP A CG   1 
ATOM 851 O OD1  . ASP A 1 53 ? -1.214  9.418   13.540  1.00 0.00 -1 53 ASP A OD1  1 
ATOM 852 O OD2  . ASP A 1 53 ? -0.648  10.952  14.944  1.00 0.00 ?  53 ASP A OD2  1 
ATOM 853 H H    . ASP A 1 53 ? -3.139  7.383   14.476  1.00 0.00 ?  53 ASP A H    1 
ATOM 854 H HA   . ASP A 1 53 ? -0.869  7.168   14.251  1.00 0.00 ?  53 ASP A HA   1 
ATOM 855 H HB2  . ASP A 1 53 ? -0.977  9.027   16.634  1.00 0.00 ?  53 ASP A HB2  1 
ATOM 856 H HB3  . ASP A 1 53 ? 0.515   8.593   15.803  1.00 0.00 ?  53 ASP A HB3  1 
ATOM 857 N N    . LEU A 1 54 ? -1.438  5.174   16.199  1.00 0.00 ?  54 LEU A N    1 
ATOM 858 C CA   . LEU A 1 54 ? -1.082  4.029   17.031  1.00 0.00 ?  54 LEU A CA   1 
ATOM 859 C C    . LEU A 1 54 ? -0.913  4.460   18.487  1.00 0.00 ?  54 LEU A C    1 
ATOM 860 O O    . LEU A 1 54 ? -1.797  4.170   19.277  1.00 0.00 ?  54 LEU A O    1 
ATOM 861 C CB   . LEU A 1 54 ? 0.222   3.394   16.508  1.00 0.00 ?  54 LEU A CB   1 
ATOM 862 C CG   . LEU A 1 54 ? 0.256   1.891   16.820  1.00 0.00 ?  54 LEU A CG   1 
ATOM 863 C CD1  . LEU A 1 54 ? 1.478   1.260   16.152  1.00 0.00 ?  54 LEU A CD1  1 
ATOM 864 C CD2  . LEU A 1 54 ? 0.339   1.683   18.336  1.00 0.00 ?  54 LEU A CD2  1 
ATOM 865 O OXT  . LEU A 1 54 ? 0.098   5.072   18.790  1.00 0.00 ?  54 LEU A OXT  1 
ATOM 866 H H    . LEU A 1 54 ? -2.248  5.137   15.644  1.00 0.00 ?  54 LEU A H    1 
ATOM 867 H HA   . LEU A 1 54 ? -1.879  3.303   16.974  1.00 0.00 ?  54 LEU A HA   1 
ATOM 868 H HB2  . LEU A 1 54 ? 0.278   3.533   15.439  1.00 0.00 ?  54 LEU A HB2  1 
ATOM 869 H HB3  . LEU A 1 54 ? 1.074   3.873   16.971  1.00 0.00 ?  54 LEU A HB3  1 
ATOM 870 H HG   . LEU A 1 54 ? -0.640  1.422   16.438  1.00 0.00 ?  54 LEU A HG   1 
ATOM 871 H HD11 . LEU A 1 54 ? 1.457   1.469   15.093  1.00 0.00 ?  54 LEU A HD11 1 
ATOM 872 H HD12 . LEU A 1 54 ? 1.463   0.192   16.310  1.00 0.00 ?  54 LEU A HD12 1 
ATOM 873 H HD13 . LEU A 1 54 ? 2.377   1.675   16.583  1.00 0.00 ?  54 LEU A HD13 1 
ATOM 874 H HD21 . LEU A 1 54 ? 0.624   0.661   18.543  1.00 0.00 ?  54 LEU A HD21 1 
ATOM 875 H HD22 . LEU A 1 54 ? -0.624  1.884   18.781  1.00 0.00 ?  54 LEU A HD22 1 
ATOM 876 H HD23 . LEU A 1 54 ? 1.076   2.353   18.752  1.00 0.00 ?  54 LEU A HD23 1 
# 
